data_5K5S
#
_entry.id   5K5S
#
_cell.length_a   107.660
_cell.length_b   127.450
_cell.length_c   146.770
_cell.angle_alpha   90.00
_cell.angle_beta   108.72
_cell.angle_gamma   90.00
#
_symmetry.space_group_name_H-M   'C 1 2 1'
#
loop_
_entity.id
_entity.type
_entity.pdbx_description
1 polymer 'Extracellular calcium-sensing receptor'
2 non-polymer TRYPTOPHAN
3 non-polymer 'PHOSPHATE ION'
4 non-polymer 'CALCIUM ION'
5 non-polymer 2-acetamido-2-deoxy-beta-D-glucopyranose
6 water water
#
_entity_poly.entity_id   1
_entity_poly.type   'polypeptide(L)'
_entity_poly.pdbx_seq_one_letter_code
;MAFYSCCWVLLALTWHTSAYGPDQRAQKKGDIILGGLFPIHFGVAAKDQDLKSRPESVECIRYNFRGFRWLQAMIFAIEE
INSSPALLPNLTLGYRIFDTCNTVSKALEATLSFVAQNKIDSLNLDEFCNCSEHIPSTIAVVGATGSGVSTAVANLLGLF
YIPQVSYASSSRLLSNKNQFKSFLRTIPNDEHQATAMADIIEYFRWNWVGTIAADDDYGRPGIEKFREEAEERDICIDFS
ELISQYSDEEEIQHVVEVIQNSTAKVIVVFSSGPDLEPLIKEIVRRNITGKIWLASEAWASSSLIAMPQYFHVVGGTIGF
ALKAGQIPGFREFLKKVHPRKSVHNGFAKEFWEETFNCHLQEGAKGPLPVDTFLRGHEESGDRFSQSSTAFRPLCTGDEN
INSVETPYIDYTHLRISYNVYLAVYSIAHALQDIYTCLPGRGLFTNGSCADIKKVEAWQVLKHLRHLQFTNNMGEQVTFD
ECGDLVGNYSIINWHLSPEDGSIVFKEVGYYNVYAKKGERLFINEEKILWSGFSREVPFSNCSRDCLAGTRKGIIEGEPT
CCFECVECPDGEYSDETDASACNKCPDDFWSNENHTSCIAKEIEFLSDYKDDDDK
;
_entity_poly.pdbx_strand_id   A,B
#
loop_
_chem_comp.id
_chem_comp.type
_chem_comp.name
_chem_comp.formula
CA non-polymer 'CALCIUM ION' 'Ca 2'
NAG D-saccharide, beta linking 2-acetamido-2-deoxy-beta-D-glucopyranose 'C8 H15 N O6'
PO4 non-polymer 'PHOSPHATE ION' 'O4 P -3'
#
# COMPACT_ATOMS: atom_id res chain seq x y z
N TYR A 20 9.47 30.54 9.37
CA TYR A 20 8.03 30.77 9.47
C TYR A 20 7.22 29.60 8.91
N GLY A 21 7.47 29.26 7.65
CA GLY A 21 6.77 28.20 6.92
C GLY A 21 5.91 28.75 5.81
N PRO A 22 4.85 28.01 5.39
CA PRO A 22 4.00 28.50 4.27
C PRO A 22 3.36 29.88 4.49
N ASP A 23 3.19 30.63 3.39
CA ASP A 23 2.63 31.98 3.40
C ASP A 23 1.14 32.00 3.77
N GLN A 24 0.28 31.28 3.00
CA GLN A 24 -1.15 31.20 3.28
C GLN A 24 -1.40 30.26 4.47
N ARG A 25 -1.89 30.85 5.56
CA ARG A 25 -2.20 30.12 6.79
C ARG A 25 -3.31 30.75 7.63
N ALA A 26 -3.81 29.99 8.61
CA ALA A 26 -4.80 30.44 9.58
C ALA A 26 -4.09 30.28 10.91
N GLN A 27 -3.60 31.40 11.45
CA GLN A 27 -2.84 31.44 12.69
C GLN A 27 -3.53 32.32 13.74
N LYS A 28 -3.45 31.91 15.01
CA LYS A 28 -3.95 32.63 16.18
C LYS A 28 -3.13 32.18 17.38
N LYS A 29 -2.62 33.13 18.17
CA LYS A 29 -1.83 32.82 19.35
C LYS A 29 -2.69 32.27 20.47
N GLY A 30 -2.07 31.48 21.33
CA GLY A 30 -2.70 30.84 22.47
C GLY A 30 -1.69 30.19 23.37
N ASP A 31 -2.13 29.68 24.51
CA ASP A 31 -1.26 29.02 25.47
C ASP A 31 -0.80 27.65 24.93
N ILE A 32 -1.71 26.95 24.25
CA ILE A 32 -1.51 25.63 23.64
C ILE A 32 -1.90 25.75 22.16
N ILE A 33 -1.02 25.33 21.25
CA ILE A 33 -1.24 25.41 19.80
C ILE A 33 -1.61 24.07 19.19
N LEU A 34 -2.70 24.05 18.40
CA LEU A 34 -3.16 22.87 17.67
C LEU A 34 -2.87 23.12 16.20
N GLY A 35 -2.13 22.21 15.58
CA GLY A 35 -1.85 22.27 14.15
C GLY A 35 -3.05 21.80 13.37
N GLY A 36 -3.18 22.28 12.13
CA GLY A 36 -4.28 21.91 11.25
C GLY A 36 -3.85 21.69 9.83
N LEU A 37 -4.42 20.68 9.17
CA LEU A 37 -4.10 20.34 7.77
C LEU A 37 -5.38 20.09 7.00
N PHE A 38 -5.65 20.92 5.99
CA PHE A 38 -6.88 20.84 5.20
C PHE A 38 -6.65 20.98 3.69
N PRO A 39 -7.44 20.28 2.83
CA PRO A 39 -7.26 20.46 1.39
C PRO A 39 -8.09 21.67 0.94
N ILE A 40 -7.51 22.89 1.08
CA ILE A 40 -8.18 24.12 0.65
C ILE A 40 -8.23 24.17 -0.90
N HIS A 41 -7.28 23.46 -1.53
CA HIS A 41 -7.16 23.25 -2.97
C HIS A 41 -7.20 21.75 -3.25
N PHE A 42 -7.73 21.34 -4.41
CA PHE A 42 -7.85 19.93 -4.79
C PHE A 42 -6.54 19.29 -5.26
N GLY A 43 -5.63 20.12 -5.78
CA GLY A 43 -4.35 19.64 -6.26
C GLY A 43 -3.35 20.74 -6.47
N VAL A 44 -2.24 20.38 -7.10
CA VAL A 44 -1.15 21.30 -7.45
C VAL A 44 -1.07 21.44 -8.98
N ALA A 45 -0.37 22.51 -9.43
CA ALA A 45 -0.18 22.86 -10.83
C ALA A 45 0.50 21.75 -11.59
N ALA A 46 0.01 21.50 -12.83
CA ALA A 46 0.58 20.51 -13.72
C ALA A 46 1.91 21.00 -14.35
N LYS A 47 2.90 21.25 -13.48
CA LYS A 47 4.24 21.68 -13.83
C LYS A 47 5.19 20.60 -13.36
N ASP A 48 5.53 19.68 -14.25
CA ASP A 48 6.50 18.64 -13.97
C ASP A 48 7.72 19.16 -14.66
N GLN A 49 8.53 19.90 -13.88
CA GLN A 49 9.71 20.58 -14.37
C GLN A 49 10.72 19.69 -15.04
N ASP A 50 11.37 20.25 -16.04
CA ASP A 50 12.45 19.61 -16.74
C ASP A 50 13.66 19.72 -15.80
N LEU A 51 13.57 20.63 -14.76
CA LEU A 51 14.60 20.98 -13.77
C LEU A 51 15.67 21.78 -14.51
N LYS A 52 15.19 22.68 -15.41
CA LYS A 52 16.02 23.54 -16.25
C LYS A 52 16.67 24.58 -15.37
N SER A 53 15.94 25.06 -14.38
CA SER A 53 16.38 26.05 -13.40
C SER A 53 16.18 25.49 -11.99
N ARG A 54 16.49 26.30 -10.96
CA ARG A 54 16.27 25.99 -9.54
C ARG A 54 14.76 25.81 -9.36
N PRO A 55 14.27 24.67 -8.83
CA PRO A 55 12.81 24.49 -8.73
C PRO A 55 12.16 25.40 -7.70
N GLU A 56 11.12 26.13 -8.13
CA GLU A 56 10.37 27.04 -7.28
C GLU A 56 9.16 26.30 -6.72
N SER A 57 8.62 26.82 -5.59
CA SER A 57 7.47 26.20 -4.93
C SER A 57 6.27 26.15 -5.84
N VAL A 58 5.71 24.94 -6.01
CA VAL A 58 4.55 24.64 -6.86
C VAL A 58 3.30 25.36 -6.35
N GLU A 59 2.42 25.76 -7.26
CA GLU A 59 1.22 26.46 -6.85
C GLU A 59 0.02 25.57 -6.91
N CYS A 60 -0.81 25.67 -5.88
CA CYS A 60 -2.02 24.90 -5.69
C CYS A 60 -3.13 25.44 -6.58
N ILE A 61 -4.00 24.57 -7.15
CA ILE A 61 -4.91 25.03 -8.18
C ILE A 61 -6.44 25.07 -7.86
N ARG A 62 -7.18 23.93 -7.88
CA ARG A 62 -8.65 24.00 -7.79
C ARG A 62 -9.18 24.27 -6.41
N TYR A 63 -9.89 25.41 -6.20
CA TYR A 63 -10.43 25.76 -4.89
C TYR A 63 -11.47 24.77 -4.40
N ASN A 64 -11.35 24.41 -3.11
CA ASN A 64 -12.20 23.43 -2.44
C ASN A 64 -12.95 24.13 -1.30
N PHE A 65 -14.21 24.47 -1.57
CA PHE A 65 -15.10 25.16 -0.65
C PHE A 65 -15.45 24.30 0.54
N ARG A 66 -15.67 22.98 0.30
CA ARG A 66 -15.96 21.99 1.32
C ARG A 66 -14.76 21.91 2.27
N GLY A 67 -13.55 21.88 1.73
CA GLY A 67 -12.30 21.88 2.48
C GLY A 67 -12.13 23.12 3.33
N PHE A 68 -12.60 24.28 2.80
CA PHE A 68 -12.58 25.53 3.56
C PHE A 68 -13.59 25.50 4.71
N ARG A 69 -14.75 24.84 4.49
CA ARG A 69 -15.79 24.67 5.51
C ARG A 69 -15.26 23.79 6.65
N TRP A 70 -14.41 22.79 6.33
CA TRP A 70 -13.82 21.90 7.35
C TRP A 70 -12.83 22.67 8.19
N LEU A 71 -12.03 23.55 7.55
CA LEU A 71 -11.05 24.42 8.20
C LEU A 71 -11.81 25.30 9.21
N GLN A 72 -12.96 25.84 8.76
CA GLN A 72 -13.81 26.67 9.62
C GLN A 72 -14.31 25.93 10.85
N ALA A 73 -14.62 24.61 10.73
CA ALA A 73 -15.07 23.76 11.84
C ALA A 73 -14.01 23.63 12.92
N MET A 74 -12.73 23.65 12.53
CA MET A 74 -11.62 23.62 13.48
C MET A 74 -11.58 24.95 14.24
N ILE A 75 -11.68 26.10 13.53
CA ILE A 75 -11.66 27.43 14.12
C ILE A 75 -12.85 27.63 15.04
N PHE A 76 -14.06 27.33 14.54
CA PHE A 76 -15.31 27.41 15.29
C PHE A 76 -15.20 26.67 16.62
N ALA A 77 -14.77 25.38 16.58
CA ALA A 77 -14.60 24.55 17.75
C ALA A 77 -13.59 25.18 18.71
N ILE A 78 -12.43 25.66 18.20
CA ILE A 78 -11.38 26.30 19.00
C ILE A 78 -11.93 27.54 19.73
N GLU A 79 -12.71 28.38 19.01
CA GLU A 79 -13.30 29.59 19.56
C GLU A 79 -14.38 29.26 20.58
N GLU A 80 -15.19 28.23 20.29
CA GLU A 80 -16.26 27.75 21.17
C GLU A 80 -15.68 27.21 22.49
N ILE A 81 -14.51 26.55 22.45
CA ILE A 81 -13.82 26.02 23.63
C ILE A 81 -13.26 27.21 24.44
N ASN A 82 -12.65 28.18 23.72
CA ASN A 82 -12.09 29.40 24.31
C ASN A 82 -13.13 30.22 25.10
N SER A 83 -14.40 30.22 24.61
CA SER A 83 -15.56 30.89 25.22
C SER A 83 -16.16 30.13 26.41
N SER A 84 -16.02 28.78 26.47
CA SER A 84 -16.51 27.96 27.58
C SER A 84 -15.50 28.06 28.74
N PRO A 85 -15.83 28.74 29.86
CA PRO A 85 -14.82 28.89 30.94
C PRO A 85 -14.47 27.62 31.71
N ALA A 86 -15.38 26.63 31.77
CA ALA A 86 -15.13 25.41 32.56
C ALA A 86 -14.20 24.43 31.85
N LEU A 87 -14.13 24.54 30.51
CA LEU A 87 -13.26 23.72 29.66
C LEU A 87 -11.96 24.47 29.43
N LEU A 88 -10.85 23.90 29.95
CA LEU A 88 -9.49 24.46 29.90
C LEU A 88 -9.52 25.87 30.55
N PRO A 89 -9.94 25.97 31.84
CA PRO A 89 -10.09 27.29 32.47
C PRO A 89 -8.81 28.11 32.54
N ASN A 90 -8.90 29.43 32.21
CA ASN A 90 -7.78 30.38 32.24
C ASN A 90 -6.64 29.97 31.27
N LEU A 91 -7.01 29.34 30.14
CA LEU A 91 -6.12 28.88 29.07
C LEU A 91 -6.74 29.18 27.72
N THR A 92 -5.90 29.39 26.71
CA THR A 92 -6.32 29.73 25.36
C THR A 92 -5.77 28.73 24.39
N LEU A 93 -6.64 28.25 23.48
CA LEU A 93 -6.23 27.34 22.42
C LEU A 93 -5.92 28.18 21.21
N GLY A 94 -4.70 28.06 20.72
CA GLY A 94 -4.30 28.74 19.51
C GLY A 94 -4.26 27.74 18.38
N TYR A 95 -3.92 28.20 17.17
CA TYR A 95 -3.84 27.32 16.01
C TYR A 95 -2.89 27.80 14.92
N ARG A 96 -2.42 26.85 14.10
CA ARG A 96 -1.55 27.03 12.93
C ARG A 96 -2.05 26.05 11.89
N ILE A 97 -2.94 26.53 11.01
CA ILE A 97 -3.62 25.71 10.01
C ILE A 97 -3.06 25.99 8.62
N PHE A 98 -2.73 24.92 7.89
CA PHE A 98 -2.15 24.99 6.55
C PHE A 98 -2.93 24.23 5.50
N ASP A 99 -2.72 24.62 4.25
CA ASP A 99 -3.36 23.98 3.11
C ASP A 99 -2.43 22.91 2.53
N THR A 100 -2.96 21.67 2.41
CA THR A 100 -2.19 20.53 1.88
C THR A 100 -2.28 20.38 0.39
N CYS A 101 -3.36 20.93 -0.23
CA CYS A 101 -3.67 20.86 -1.66
C CYS A 101 -3.76 19.40 -2.10
N ASN A 102 -4.22 18.50 -1.19
CA ASN A 102 -4.31 17.04 -1.35
C ASN A 102 -2.99 16.44 -1.81
N THR A 103 -1.86 17.04 -1.39
CA THR A 103 -0.53 16.59 -1.81
C THR A 103 0.38 16.36 -0.60
N VAL A 104 1.14 15.24 -0.66
CA VAL A 104 2.10 14.80 0.35
C VAL A 104 3.16 15.90 0.56
N SER A 105 3.71 16.48 -0.53
CA SER A 105 4.75 17.50 -0.46
C SER A 105 4.32 18.77 0.30
N LYS A 106 3.21 19.40 -0.10
CA LYS A 106 2.67 20.58 0.58
C LYS A 106 2.34 20.28 2.07
N ALA A 107 1.81 19.07 2.37
CA ALA A 107 1.48 18.62 3.73
C ALA A 107 2.69 18.49 4.60
N LEU A 108 3.78 17.93 4.02
CA LEU A 108 5.06 17.72 4.71
C LEU A 108 5.77 19.03 4.99
N GLU A 109 5.66 20.01 4.07
CA GLU A 109 6.24 21.35 4.21
C GLU A 109 5.68 21.93 5.50
N ALA A 110 4.34 21.90 5.64
CA ALA A 110 3.58 22.35 6.80
C ALA A 110 3.96 21.57 8.04
N THR A 111 4.02 20.22 7.96
CA THR A 111 4.36 19.35 9.10
C THR A 111 5.75 19.68 9.65
N LEU A 112 6.73 20.02 8.76
CA LEU A 112 8.08 20.41 9.16
C LEU A 112 8.06 21.65 10.03
N SER A 113 7.10 22.56 9.78
CA SER A 113 6.89 23.75 10.59
C SER A 113 6.34 23.38 11.98
N PHE A 114 5.41 22.41 12.06
CA PHE A 114 4.85 21.96 13.35
C PHE A 114 5.90 21.36 14.28
N VAL A 115 6.92 20.69 13.71
CA VAL A 115 7.97 20.00 14.44
C VAL A 115 9.27 20.81 14.59
N ALA A 116 9.31 22.07 14.05
CA ALA A 116 10.46 22.98 14.05
C ALA A 116 11.24 23.04 15.37
N GLN A 117 10.51 23.18 16.50
CA GLN A 117 11.09 23.24 17.84
C GLN A 117 11.73 21.91 18.27
N ASN A 118 11.02 20.77 18.06
CA ASN A 118 11.36 19.41 18.46
C ASN A 118 12.77 18.90 18.05
N LYS A 119 13.41 19.45 17.01
CA LYS A 119 14.81 19.08 16.72
C LYS A 119 15.52 20.15 15.88
N ILE A 135 8.03 29.77 16.51
CA ILE A 135 8.76 28.93 17.45
C ILE A 135 7.86 28.26 18.55
N PRO A 136 6.52 28.54 18.70
CA PRO A 136 5.77 27.84 19.74
C PRO A 136 5.60 26.37 19.37
N SER A 137 5.49 25.52 20.36
CA SER A 137 5.31 24.09 20.15
C SER A 137 3.91 23.78 19.63
N THR A 138 3.79 22.71 18.83
CA THR A 138 2.54 22.16 18.32
C THR A 138 2.36 20.93 19.18
N ILE A 139 1.30 20.88 19.99
CA ILE A 139 1.05 19.75 20.89
C ILE A 139 0.22 18.64 20.25
N ALA A 140 -0.57 18.99 19.23
CA ALA A 140 -1.41 18.05 18.50
C ALA A 140 -1.71 18.60 17.14
N VAL A 141 -2.05 17.70 16.18
CA VAL A 141 -2.38 18.09 14.81
C VAL A 141 -3.72 17.49 14.41
N VAL A 142 -4.59 18.31 13.76
CA VAL A 142 -5.87 17.88 13.19
C VAL A 142 -5.65 17.72 11.67
N GLY A 143 -5.89 16.54 11.16
CA GLY A 143 -5.69 16.24 9.74
C GLY A 143 -4.94 14.94 9.54
N ALA A 144 -4.68 14.51 8.31
CA ALA A 144 -5.14 15.20 7.10
C ALA A 144 -6.38 14.48 6.55
N THR A 145 -6.71 14.69 5.28
CA THR A 145 -7.87 14.08 4.63
C THR A 145 -7.52 12.76 3.98
N GLY A 146 -6.64 12.81 2.98
CA GLY A 146 -6.23 11.62 2.23
C GLY A 146 -5.29 10.76 3.04
N SER A 147 -5.54 9.42 3.04
CA SER A 147 -4.74 8.43 3.77
C SER A 147 -3.27 8.48 3.39
N GLY A 148 -2.99 8.71 2.09
CA GLY A 148 -1.65 8.89 1.56
C GLY A 148 -0.94 10.08 2.22
N VAL A 149 -1.67 11.20 2.35
CA VAL A 149 -1.17 12.42 3.01
C VAL A 149 -1.01 12.17 4.55
N SER A 150 -2.03 11.60 5.21
CA SER A 150 -1.97 11.32 6.65
C SER A 150 -0.86 10.38 7.05
N THR A 151 -0.54 9.36 6.22
CA THR A 151 0.55 8.41 6.45
C THR A 151 1.90 9.14 6.46
N ALA A 152 2.12 10.04 5.46
CA ALA A 152 3.36 10.82 5.33
C ALA A 152 3.54 11.74 6.54
N VAL A 153 2.45 12.40 6.96
CA VAL A 153 2.41 13.31 8.12
C VAL A 153 2.67 12.51 9.41
N ALA A 154 1.99 11.34 9.57
CA ALA A 154 2.13 10.44 10.71
C ALA A 154 3.55 9.93 10.95
N ASN A 155 4.27 9.64 9.86
CA ASN A 155 5.65 9.17 9.90
C ASN A 155 6.56 10.21 10.57
N LEU A 156 6.31 11.49 10.27
CA LEU A 156 7.08 12.62 10.79
C LEU A 156 6.61 13.01 12.20
N LEU A 157 5.28 13.09 12.42
CA LEU A 157 4.74 13.45 13.75
C LEU A 157 5.00 12.38 14.79
N GLY A 158 4.86 11.10 14.41
CA GLY A 158 5.07 9.95 15.26
C GLY A 158 6.44 9.92 15.91
N LEU A 159 7.43 10.42 15.16
CA LEU A 159 8.84 10.55 15.55
C LEU A 159 8.98 11.38 16.83
N PHE A 160 8.21 12.48 16.92
CA PHE A 160 8.23 13.42 18.04
C PHE A 160 7.07 13.22 18.98
N TYR A 161 6.34 12.10 18.83
CA TYR A 161 5.19 11.69 19.64
C TYR A 161 4.11 12.77 19.73
N ILE A 162 3.95 13.58 18.65
CA ILE A 162 2.90 14.60 18.56
C ILE A 162 1.62 13.86 18.10
N PRO A 163 0.54 13.85 18.92
CA PRO A 163 -0.70 13.17 18.48
C PRO A 163 -1.29 13.80 17.21
N GLN A 164 -1.78 12.94 16.33
CA GLN A 164 -2.41 13.33 15.09
C GLN A 164 -3.85 12.78 15.10
N VAL A 165 -4.82 13.67 14.94
CA VAL A 165 -6.22 13.26 14.89
C VAL A 165 -6.78 13.58 13.49
N SER A 166 -6.96 12.53 12.68
CA SER A 166 -7.50 12.74 11.34
C SER A 166 -9.00 12.62 11.38
N TYR A 167 -9.66 13.54 10.69
CA TYR A 167 -11.11 13.63 10.56
C TYR A 167 -11.59 12.87 9.30
N ALA A 168 -10.69 12.44 8.38
CA ALA A 168 -11.14 11.79 7.13
C ALA A 168 -10.30 10.60 6.62
N SER A 169 -9.06 10.39 7.12
CA SER A 169 -8.24 9.26 6.67
C SER A 169 -8.72 7.95 7.27
N SER A 170 -9.31 7.10 6.43
CA SER A 170 -9.98 5.85 6.78
C SER A 170 -9.24 4.54 6.41
N SER A 171 -8.02 4.61 5.87
CA SER A 171 -7.28 3.40 5.50
C SER A 171 -7.01 2.51 6.71
N ARG A 172 -7.12 1.19 6.53
CA ARG A 172 -6.84 0.21 7.58
C ARG A 172 -5.37 0.25 7.96
N LEU A 173 -4.50 0.71 7.02
CA LEU A 173 -3.05 0.78 7.24
C LEU A 173 -2.69 1.67 8.43
N LEU A 174 -3.51 2.69 8.69
CA LEU A 174 -3.32 3.64 9.78
C LEU A 174 -3.71 3.10 11.16
N SER A 175 -4.31 1.89 11.23
CA SER A 175 -4.67 1.24 12.50
C SER A 175 -3.46 0.54 13.13
N ASN A 176 -2.36 0.37 12.35
CA ASN A 176 -1.14 -0.27 12.83
C ASN A 176 -0.40 0.70 13.76
N LYS A 177 -0.50 0.44 15.08
CA LYS A 177 0.09 1.30 16.12
C LYS A 177 1.61 1.11 16.31
N ASN A 178 2.19 0.06 15.70
CA ASN A 178 3.63 -0.16 15.71
C ASN A 178 4.24 0.86 14.74
N GLN A 179 3.54 1.09 13.60
CA GLN A 179 3.93 2.05 12.58
C GLN A 179 3.50 3.48 12.93
N PHE A 180 2.21 3.65 13.25
CA PHE A 180 1.69 4.97 13.52
C PHE A 180 1.41 5.15 15.01
N LYS A 181 2.49 5.39 15.77
CA LYS A 181 2.53 5.55 17.23
C LYS A 181 1.69 6.68 17.79
N SER A 182 1.52 7.79 17.05
CA SER A 182 0.76 8.94 17.55
C SER A 182 -0.51 9.23 16.76
N PHE A 183 -0.98 8.27 15.95
CA PHE A 183 -2.13 8.49 15.09
C PHE A 183 -3.44 7.97 15.67
N LEU A 184 -4.47 8.80 15.59
CA LEU A 184 -5.85 8.55 16.04
C LEU A 184 -6.75 9.19 14.99
N ARG A 185 -8.03 8.78 14.95
CA ARG A 185 -8.98 9.34 13.99
C ARG A 185 -10.43 9.36 14.46
N THR A 186 -11.19 10.38 14.01
CA THR A 186 -12.61 10.54 14.33
C THR A 186 -13.50 10.06 13.15
N ILE A 187 -12.98 9.13 12.35
CA ILE A 187 -13.64 8.49 11.21
C ILE A 187 -13.37 6.98 11.32
N PRO A 188 -14.34 6.09 11.05
CA PRO A 188 -14.03 4.66 11.15
C PRO A 188 -13.09 4.22 10.02
N ASN A 189 -12.42 3.13 10.29
CA ASN A 189 -11.54 2.37 9.44
C ASN A 189 -12.47 1.74 8.35
N ASP A 190 -12.02 1.69 7.09
CA ASP A 190 -12.75 1.19 5.92
C ASP A 190 -13.13 -0.29 5.90
N GLU A 191 -12.59 -1.14 6.79
CA GLU A 191 -12.83 -2.59 6.83
C GLU A 191 -14.31 -2.99 6.72
N HIS A 192 -15.22 -2.44 7.55
CA HIS A 192 -16.65 -2.75 7.48
C HIS A 192 -17.31 -2.15 6.25
N GLN A 193 -16.78 -1.02 5.75
CA GLN A 193 -17.33 -0.37 4.56
C GLN A 193 -17.17 -1.29 3.35
N ALA A 194 -16.00 -1.96 3.23
CA ALA A 194 -15.73 -2.88 2.13
C ALA A 194 -16.57 -4.15 2.26
N THR A 195 -16.86 -4.59 3.50
CA THR A 195 -17.73 -5.74 3.76
C THR A 195 -19.17 -5.38 3.40
N ALA A 196 -19.59 -4.15 3.73
CA ALA A 196 -20.92 -3.62 3.40
C ALA A 196 -21.16 -3.63 1.91
N MET A 197 -20.12 -3.36 1.09
CA MET A 197 -20.18 -3.38 -0.37
C MET A 197 -20.62 -4.78 -0.82
N ALA A 198 -19.89 -5.81 -0.32
CA ALA A 198 -20.13 -7.21 -0.59
C ALA A 198 -21.49 -7.68 -0.08
N ASP A 199 -21.99 -7.09 1.03
CA ASP A 199 -23.31 -7.40 1.60
C ASP A 199 -24.43 -6.87 0.69
N ILE A 200 -24.26 -5.65 0.12
CA ILE A 200 -25.20 -5.01 -0.81
C ILE A 200 -25.32 -5.85 -2.08
N ILE A 201 -24.17 -6.32 -2.60
CA ILE A 201 -24.11 -7.16 -3.82
C ILE A 201 -24.84 -8.48 -3.58
N GLU A 202 -24.60 -9.11 -2.42
CA GLU A 202 -25.21 -10.36 -1.97
C GLU A 202 -26.73 -10.17 -1.84
N TYR A 203 -27.18 -8.99 -1.32
CA TYR A 203 -28.58 -8.62 -1.14
C TYR A 203 -29.34 -8.60 -2.45
N PHE A 204 -28.84 -7.87 -3.46
CA PHE A 204 -29.51 -7.78 -4.76
C PHE A 204 -29.25 -8.97 -5.68
N ARG A 205 -28.52 -9.98 -5.16
CA ARG A 205 -28.18 -11.24 -5.83
C ARG A 205 -27.49 -11.04 -7.19
N TRP A 206 -26.33 -10.38 -7.17
CA TRP A 206 -25.47 -10.17 -8.34
C TRP A 206 -24.21 -10.99 -8.10
N ASN A 207 -23.66 -11.62 -9.15
CA ASN A 207 -22.44 -12.41 -8.99
C ASN A 207 -21.31 -11.94 -9.92
N TRP A 208 -21.58 -10.95 -10.76
CA TRP A 208 -20.61 -10.45 -11.74
C TRP A 208 -20.39 -8.97 -11.57
N VAL A 209 -19.25 -8.61 -10.98
CA VAL A 209 -18.88 -7.22 -10.71
C VAL A 209 -17.48 -6.88 -11.27
N GLY A 210 -17.18 -5.61 -11.23
CA GLY A 210 -15.89 -5.04 -11.58
C GLY A 210 -15.44 -4.16 -10.44
N THR A 211 -14.11 -3.96 -10.31
CA THR A 211 -13.55 -3.13 -9.26
C THR A 211 -12.61 -2.08 -9.81
N ILE A 212 -12.68 -0.87 -9.26
CA ILE A 212 -11.81 0.25 -9.59
C ILE A 212 -11.34 0.83 -8.27
N ALA A 213 -10.04 1.09 -8.17
CA ALA A 213 -9.45 1.64 -6.95
C ALA A 213 -8.47 2.75 -7.29
N ALA A 214 -8.40 3.77 -6.41
CA ALA A 214 -7.42 4.83 -6.53
C ALA A 214 -6.10 4.15 -6.15
N ASP A 215 -5.03 4.32 -6.93
CA ASP A 215 -3.74 3.67 -6.70
C ASP A 215 -2.98 4.32 -5.54
N ASP A 216 -3.66 4.45 -4.39
CA ASP A 216 -3.15 5.04 -3.16
C ASP A 216 -3.48 4.17 -1.95
N ASP A 217 -2.98 4.57 -0.74
CA ASP A 217 -3.18 3.87 0.53
C ASP A 217 -4.64 3.82 0.99
N TYR A 218 -5.57 4.41 0.21
CA TYR A 218 -6.99 4.37 0.48
C TYR A 218 -7.71 3.34 -0.41
N GLY A 219 -7.64 3.52 -1.71
CA GLY A 219 -8.29 2.66 -2.70
C GLY A 219 -7.82 1.22 -2.69
N ARG A 220 -6.50 1.03 -2.66
CA ARG A 220 -5.87 -0.31 -2.68
C ARG A 220 -6.33 -1.19 -1.47
N PRO A 221 -6.15 -0.81 -0.16
CA PRO A 221 -6.62 -1.68 0.93
C PRO A 221 -8.15 -1.91 0.98
N GLY A 222 -8.91 -0.93 0.48
CA GLY A 222 -10.37 -0.96 0.44
C GLY A 222 -10.90 -2.00 -0.52
N ILE A 223 -10.35 -2.03 -1.74
CA ILE A 223 -10.72 -3.00 -2.76
C ILE A 223 -10.17 -4.37 -2.38
N GLU A 224 -9.02 -4.44 -1.71
CA GLU A 224 -8.46 -5.72 -1.29
C GLU A 224 -9.38 -6.40 -0.28
N LYS A 225 -9.88 -5.63 0.72
CA LYS A 225 -10.82 -6.14 1.70
C LYS A 225 -12.14 -6.55 1.02
N PHE A 226 -12.57 -5.75 0.03
CA PHE A 226 -13.78 -6.04 -0.71
C PHE A 226 -13.61 -7.35 -1.48
N ARG A 227 -12.47 -7.54 -2.13
CA ARG A 227 -12.13 -8.72 -2.91
C ARG A 227 -12.29 -9.97 -2.06
N GLU A 228 -11.74 -9.93 -0.83
CA GLU A 228 -11.78 -10.99 0.17
C GLU A 228 -13.23 -11.32 0.56
N GLU A 229 -14.06 -10.30 0.82
CA GLU A 229 -15.46 -10.43 1.22
C GLU A 229 -16.38 -10.89 0.10
N ALA A 230 -16.14 -10.44 -1.14
CA ALA A 230 -16.94 -10.82 -2.30
C ALA A 230 -16.74 -12.30 -2.60
N GLU A 231 -15.49 -12.79 -2.48
CA GLU A 231 -15.14 -14.18 -2.73
C GLU A 231 -15.70 -15.11 -1.64
N GLU A 232 -15.91 -14.59 -0.43
CA GLU A 232 -16.52 -15.33 0.68
C GLU A 232 -18.00 -15.59 0.31
N ARG A 233 -18.66 -14.56 -0.29
CA ARG A 233 -20.07 -14.54 -0.69
C ARG A 233 -20.29 -15.03 -2.12
N ASP A 234 -19.28 -15.73 -2.67
CA ASP A 234 -19.28 -16.34 -4.01
C ASP A 234 -19.69 -15.35 -5.13
N ILE A 235 -19.08 -14.14 -5.11
CA ILE A 235 -19.24 -13.08 -6.12
C ILE A 235 -17.95 -13.09 -6.94
N CYS A 236 -18.07 -13.12 -8.26
CA CYS A 236 -16.91 -13.14 -9.14
C CYS A 236 -16.60 -11.73 -9.61
N ILE A 237 -15.30 -11.39 -9.60
CA ILE A 237 -14.83 -10.08 -10.05
C ILE A 237 -14.23 -10.28 -11.45
N ASP A 238 -14.86 -9.65 -12.46
CA ASP A 238 -14.41 -9.74 -13.84
C ASP A 238 -13.13 -8.95 -14.10
N PHE A 239 -13.08 -7.72 -13.56
CA PHE A 239 -11.93 -6.85 -13.73
C PHE A 239 -11.61 -6.08 -12.45
N SER A 240 -10.31 -5.77 -12.27
CA SER A 240 -9.79 -5.02 -11.14
C SER A 240 -8.76 -4.01 -11.67
N GLU A 241 -9.23 -2.78 -11.88
CA GLU A 241 -8.42 -1.69 -12.42
C GLU A 241 -8.03 -0.64 -11.39
N LEU A 242 -6.93 0.09 -11.68
CA LEU A 242 -6.40 1.18 -10.86
C LEU A 242 -6.48 2.49 -11.61
N ILE A 243 -6.72 3.58 -10.88
CA ILE A 243 -6.84 4.94 -11.41
C ILE A 243 -6.14 5.93 -10.49
N SER A 244 -5.98 7.17 -10.94
CA SER A 244 -5.35 8.27 -10.21
C SER A 244 -5.73 9.58 -10.88
N GLN A 245 -5.63 10.71 -10.15
CA GLN A 245 -5.91 12.02 -10.74
C GLN A 245 -4.89 12.38 -11.83
N TYR A 246 -3.68 11.78 -11.76
CA TYR A 246 -2.60 12.02 -12.71
C TYR A 246 -2.43 10.90 -13.74
N SER A 247 -3.55 10.23 -14.08
CA SER A 247 -3.57 9.15 -15.07
C SER A 247 -3.57 9.71 -16.49
N ASP A 248 -2.78 9.08 -17.40
CA ASP A 248 -2.65 9.40 -18.82
C ASP A 248 -3.97 9.30 -19.55
N GLU A 249 -4.03 9.85 -20.77
CA GLU A 249 -5.17 9.72 -21.67
C GLU A 249 -5.18 8.24 -22.05
N GLU A 250 -3.97 7.65 -22.20
CA GLU A 250 -3.73 6.24 -22.52
C GLU A 250 -4.25 5.36 -21.38
N GLU A 251 -3.83 5.68 -20.14
CA GLU A 251 -4.22 4.95 -18.92
C GLU A 251 -5.72 4.92 -18.70
N ILE A 252 -6.39 6.07 -18.91
CA ILE A 252 -7.85 6.20 -18.79
C ILE A 252 -8.54 5.37 -19.87
N GLN A 253 -8.07 5.48 -21.14
CA GLN A 253 -8.58 4.75 -22.31
C GLN A 253 -8.69 3.26 -22.03
N HIS A 254 -7.60 2.68 -21.48
CA HIS A 254 -7.51 1.25 -21.15
C HIS A 254 -8.60 0.83 -20.17
N VAL A 255 -8.82 1.63 -19.11
CA VAL A 255 -9.84 1.36 -18.09
C VAL A 255 -11.23 1.43 -18.71
N VAL A 256 -11.52 2.46 -19.53
CA VAL A 256 -12.82 2.64 -20.21
C VAL A 256 -13.09 1.43 -21.13
N GLU A 257 -12.05 0.94 -21.85
CA GLU A 257 -12.12 -0.24 -22.73
C GLU A 257 -12.47 -1.50 -21.95
N VAL A 258 -11.83 -1.68 -20.78
CA VAL A 258 -12.05 -2.81 -19.86
C VAL A 258 -13.52 -2.83 -19.37
N ILE A 259 -14.07 -1.65 -19.05
CA ILE A 259 -15.44 -1.46 -18.60
C ILE A 259 -16.42 -1.84 -19.73
N GLN A 260 -16.16 -1.33 -20.95
CA GLN A 260 -16.97 -1.57 -22.17
C GLN A 260 -16.96 -3.04 -22.59
N ASN A 261 -15.77 -3.68 -22.60
CA ASN A 261 -15.59 -5.09 -22.97
C ASN A 261 -16.09 -6.08 -21.88
N SER A 262 -16.70 -5.57 -20.79
CA SER A 262 -17.20 -6.41 -19.69
C SER A 262 -18.72 -6.48 -19.61
N THR A 263 -19.25 -7.67 -19.32
CA THR A 263 -20.69 -7.91 -19.18
C THR A 263 -21.17 -7.54 -17.76
N ALA A 264 -20.25 -7.18 -16.85
CA ALA A 264 -20.55 -6.78 -15.48
C ALA A 264 -21.11 -5.35 -15.46
N LYS A 265 -22.30 -5.18 -14.87
CA LYS A 265 -22.98 -3.89 -14.76
C LYS A 265 -22.66 -3.20 -13.42
N VAL A 266 -22.35 -3.98 -12.37
CA VAL A 266 -22.03 -3.47 -11.04
C VAL A 266 -20.54 -3.15 -10.96
N ILE A 267 -20.21 -1.86 -10.71
CA ILE A 267 -18.82 -1.42 -10.58
C ILE A 267 -18.57 -0.83 -9.19
N VAL A 268 -17.73 -1.52 -8.41
CA VAL A 268 -17.30 -1.12 -7.07
C VAL A 268 -16.11 -0.16 -7.23
N VAL A 269 -16.25 1.07 -6.70
CA VAL A 269 -15.24 2.12 -6.81
C VAL A 269 -14.81 2.62 -5.43
N PHE A 270 -13.54 2.37 -5.06
CA PHE A 270 -12.91 2.81 -3.81
C PHE A 270 -11.89 3.88 -4.21
N SER A 271 -12.34 5.15 -4.21
CA SER A 271 -11.54 6.29 -4.65
C SER A 271 -12.08 7.60 -4.08
N SER A 272 -11.27 8.67 -4.16
CA SER A 272 -11.69 10.02 -3.81
C SER A 272 -12.20 10.65 -5.13
N GLY A 273 -12.86 11.80 -5.00
CA GLY A 273 -13.37 12.59 -6.13
C GLY A 273 -12.25 12.97 -7.09
N PRO A 274 -11.15 13.62 -6.62
CA PRO A 274 -10.07 13.99 -7.57
C PRO A 274 -9.46 12.82 -8.33
N ASP A 275 -9.29 11.66 -7.68
CA ASP A 275 -8.70 10.47 -8.32
C ASP A 275 -9.65 9.80 -9.31
N LEU A 276 -10.96 10.02 -9.16
CA LEU A 276 -11.96 9.42 -10.04
C LEU A 276 -12.42 10.33 -11.18
N GLU A 277 -12.42 11.67 -10.96
CA GLU A 277 -12.86 12.65 -11.96
C GLU A 277 -12.30 12.41 -13.38
N PRO A 278 -10.97 12.19 -13.60
CA PRO A 278 -10.52 11.93 -14.99
C PRO A 278 -11.23 10.77 -15.69
N LEU A 279 -11.46 9.65 -14.97
CA LEU A 279 -12.14 8.49 -15.52
C LEU A 279 -13.61 8.76 -15.82
N ILE A 280 -14.34 9.41 -14.89
CA ILE A 280 -15.77 9.72 -15.05
C ILE A 280 -16.00 10.65 -16.26
N LYS A 281 -15.15 11.70 -16.43
CA LYS A 281 -15.22 12.65 -17.53
C LYS A 281 -15.25 11.94 -18.89
N GLU A 282 -14.36 10.96 -19.08
CA GLU A 282 -14.26 10.14 -20.29
C GLU A 282 -15.48 9.22 -20.49
N ILE A 283 -15.98 8.59 -19.41
CA ILE A 283 -17.15 7.70 -19.48
C ILE A 283 -18.40 8.51 -19.87
N VAL A 284 -18.50 9.77 -19.38
CA VAL A 284 -19.57 10.71 -19.69
C VAL A 284 -19.50 11.10 -21.17
N ARG A 285 -18.26 11.37 -21.63
CA ARG A 285 -17.93 11.74 -23.01
C ARG A 285 -18.38 10.65 -23.99
N ARG A 286 -18.28 9.37 -23.59
CA ARG A 286 -18.63 8.22 -24.41
C ARG A 286 -20.03 7.67 -24.17
N ASN A 287 -20.78 8.32 -23.26
CA ASN A 287 -22.12 7.95 -22.86
C ASN A 287 -22.30 6.42 -22.64
N ILE A 288 -21.56 5.89 -21.65
CA ILE A 288 -21.61 4.49 -21.24
C ILE A 288 -22.60 4.53 -20.08
N THR A 289 -23.81 4.01 -20.34
CA THR A 289 -24.97 4.16 -19.47
C THR A 289 -25.53 2.94 -18.73
N GLY A 290 -25.08 1.76 -19.06
CA GLY A 290 -25.65 0.58 -18.40
C GLY A 290 -25.37 0.45 -16.91
N LYS A 291 -24.15 0.81 -16.52
CA LYS A 291 -23.46 0.67 -15.25
C LYS A 291 -24.21 1.18 -14.03
N ILE A 292 -24.04 0.44 -12.93
CA ILE A 292 -24.61 0.74 -11.62
C ILE A 292 -23.41 0.81 -10.62
N TRP A 293 -23.08 2.04 -10.20
CA TRP A 293 -21.92 2.35 -9.39
C TRP A 293 -22.11 2.20 -7.90
N LEU A 294 -21.14 1.51 -7.26
CA LEU A 294 -21.10 1.35 -5.81
C LEU A 294 -19.97 2.25 -5.31
N ALA A 295 -20.39 3.36 -4.68
CA ALA A 295 -19.52 4.44 -4.23
C ALA A 295 -18.97 4.31 -2.83
N SER A 296 -17.64 4.43 -2.70
CA SER A 296 -16.98 4.47 -1.40
C SER A 296 -17.27 5.85 -0.85
N GLU A 297 -17.22 5.98 0.46
CA GLU A 297 -17.59 7.19 1.18
C GLU A 297 -16.87 8.45 0.66
N ALA A 298 -15.62 8.35 0.22
CA ALA A 298 -14.87 9.52 -0.29
C ALA A 298 -15.49 10.20 -1.51
N TRP A 299 -16.07 9.43 -2.45
CA TRP A 299 -16.64 10.05 -3.65
C TRP A 299 -18.18 10.01 -3.69
N ALA A 300 -18.84 9.28 -2.76
CA ALA A 300 -20.31 9.16 -2.67
C ALA A 300 -21.01 10.52 -2.48
N SER A 301 -20.26 11.54 -2.01
CA SER A 301 -20.80 12.88 -1.80
C SER A 301 -19.87 13.96 -2.40
N SER A 302 -19.07 13.59 -3.41
CA SER A 302 -18.11 14.47 -4.06
C SER A 302 -18.76 15.36 -5.09
N SER A 303 -18.56 16.69 -4.97
CA SER A 303 -19.10 17.68 -5.91
C SER A 303 -18.48 17.52 -7.31
N LEU A 304 -17.28 16.91 -7.39
CA LEU A 304 -16.54 16.65 -8.65
C LEU A 304 -17.18 15.55 -9.48
N ILE A 305 -17.93 14.64 -8.83
CA ILE A 305 -18.59 13.50 -9.48
C ILE A 305 -20.11 13.70 -9.53
N ALA A 306 -20.70 14.27 -8.47
CA ALA A 306 -22.13 14.56 -8.37
C ALA A 306 -22.51 15.85 -9.15
N MET A 307 -22.18 15.87 -10.45
CA MET A 307 -22.47 16.93 -11.40
C MET A 307 -23.70 16.51 -12.22
N PRO A 308 -24.69 17.41 -12.45
CA PRO A 308 -25.90 17.01 -13.21
C PRO A 308 -25.64 16.60 -14.66
N GLN A 309 -24.52 17.05 -15.23
CA GLN A 309 -24.10 16.75 -16.60
C GLN A 309 -23.73 15.27 -16.75
N TYR A 310 -23.27 14.65 -15.65
CA TYR A 310 -22.80 13.27 -15.57
C TYR A 310 -23.92 12.27 -15.27
N PHE A 311 -25.14 12.75 -14.94
CA PHE A 311 -26.28 11.91 -14.53
C PHE A 311 -26.59 10.69 -15.44
N HIS A 312 -26.37 10.79 -16.77
CA HIS A 312 -26.63 9.67 -17.67
C HIS A 312 -25.74 8.47 -17.35
N VAL A 313 -24.55 8.75 -16.81
CA VAL A 313 -23.52 7.79 -16.42
C VAL A 313 -23.58 7.48 -14.91
N VAL A 314 -23.60 8.51 -14.04
CA VAL A 314 -23.52 8.36 -12.58
C VAL A 314 -24.89 8.35 -11.86
N GLY A 315 -25.99 8.36 -12.60
CA GLY A 315 -27.32 8.31 -12.00
C GLY A 315 -27.56 6.96 -11.33
N GLY A 316 -28.27 6.98 -10.21
CA GLY A 316 -28.58 5.79 -9.44
C GLY A 316 -27.41 5.11 -8.76
N THR A 317 -26.38 5.89 -8.41
CA THR A 317 -25.19 5.43 -7.70
C THR A 317 -25.59 5.14 -6.25
N ILE A 318 -25.17 3.98 -5.71
CA ILE A 318 -25.41 3.60 -4.33
C ILE A 318 -24.09 3.81 -3.59
N GLY A 319 -24.12 4.67 -2.59
CA GLY A 319 -22.92 5.01 -1.84
C GLY A 319 -23.06 5.02 -0.34
N PHE A 320 -21.98 5.42 0.33
CA PHE A 320 -21.91 5.48 1.79
C PHE A 320 -21.68 6.88 2.29
N ALA A 321 -22.32 7.18 3.41
CA ALA A 321 -22.17 8.42 4.10
C ALA A 321 -22.01 8.08 5.56
N LEU A 322 -21.24 8.87 6.30
CA LEU A 322 -21.04 8.64 7.73
C LEU A 322 -22.23 9.17 8.49
N LYS A 323 -22.44 8.71 9.75
CA LYS A 323 -23.56 9.20 10.54
C LYS A 323 -23.31 10.70 10.73
N ALA A 324 -24.32 11.52 10.44
CA ALA A 324 -24.25 12.98 10.51
C ALA A 324 -24.26 13.42 11.97
N GLY A 325 -23.65 14.55 12.24
CA GLY A 325 -23.63 15.13 13.58
C GLY A 325 -24.12 16.55 13.60
N GLN A 326 -24.47 17.04 14.80
CA GLN A 326 -25.00 18.37 15.02
C GLN A 326 -23.96 19.38 15.49
N ILE A 327 -23.86 20.56 14.81
CA ILE A 327 -22.99 21.64 15.31
C ILE A 327 -23.80 22.94 15.46
N PRO A 328 -24.52 23.12 16.59
CA PRO A 328 -25.30 24.36 16.77
C PRO A 328 -24.45 25.64 16.73
N GLY A 329 -24.90 26.58 15.92
CA GLY A 329 -24.27 27.89 15.75
C GLY A 329 -23.24 27.95 14.63
N PHE A 330 -22.88 26.79 14.07
CA PHE A 330 -21.85 26.67 13.03
C PHE A 330 -22.25 27.31 11.74
N ARG A 331 -23.44 26.97 11.26
CA ARG A 331 -24.03 27.49 10.06
C ARG A 331 -24.05 29.04 10.08
N GLU A 332 -24.29 29.65 11.26
CA GLU A 332 -24.26 31.10 11.48
C GLU A 332 -22.84 31.64 11.39
N PHE A 333 -21.88 30.90 11.95
CA PHE A 333 -20.46 31.25 11.98
C PHE A 333 -19.89 31.31 10.57
N LEU A 334 -20.29 30.34 9.70
CA LEU A 334 -19.86 30.25 8.29
C LEU A 334 -20.23 31.51 7.54
N LYS A 335 -21.45 32.03 7.80
CA LYS A 335 -22.03 33.21 7.16
C LYS A 335 -21.33 34.51 7.56
N LYS A 336 -20.67 34.53 8.72
CA LYS A 336 -19.96 35.69 9.29
C LYS A 336 -18.60 35.97 8.63
N VAL A 337 -18.14 35.08 7.72
CA VAL A 337 -16.84 35.19 7.02
C VAL A 337 -16.77 36.49 6.20
N HIS A 338 -15.73 37.27 6.47
CA HIS A 338 -15.48 38.53 5.79
C HIS A 338 -14.02 38.53 5.37
N PRO A 339 -13.70 38.98 4.13
CA PRO A 339 -12.31 38.93 3.67
C PRO A 339 -11.34 39.79 4.49
N ARG A 340 -11.75 41.02 4.82
CA ARG A 340 -10.99 42.02 5.57
C ARG A 340 -10.79 41.67 7.04
N LYS A 341 -11.89 41.24 7.71
CA LYS A 341 -11.94 40.90 9.14
C LYS A 341 -10.94 39.85 9.60
N SER A 342 -10.86 38.74 8.86
CA SER A 342 -10.05 37.57 9.19
C SER A 342 -8.55 37.83 9.18
N VAL A 343 -8.07 38.45 10.28
CA VAL A 343 -6.67 38.73 10.57
C VAL A 343 -6.08 37.36 10.84
N HIS A 344 -6.92 36.50 11.44
CA HIS A 344 -6.48 35.17 11.79
C HIS A 344 -6.52 34.21 10.62
N ASN A 345 -7.59 34.24 9.81
CA ASN A 345 -7.75 33.37 8.64
C ASN A 345 -7.23 34.00 7.35
N GLY A 346 -6.09 33.54 6.88
CA GLY A 346 -5.46 34.00 5.64
C GLY A 346 -6.00 33.36 4.37
N PHE A 347 -7.01 32.49 4.51
CA PHE A 347 -7.66 31.80 3.39
C PHE A 347 -8.97 32.49 3.03
N ALA A 348 -9.37 33.45 3.89
CA ALA A 348 -10.58 34.24 3.78
C ALA A 348 -10.59 35.17 2.55
N LYS A 349 -9.41 35.71 2.16
CA LYS A 349 -9.27 36.55 0.99
C LYS A 349 -9.53 35.71 -0.27
N GLU A 350 -8.82 34.57 -0.38
CA GLU A 350 -8.93 33.66 -1.52
C GLU A 350 -10.33 33.04 -1.63
N PHE A 351 -10.99 32.79 -0.48
CA PHE A 351 -12.36 32.24 -0.44
C PHE A 351 -13.28 33.24 -1.15
N TRP A 352 -13.23 34.53 -0.75
CA TRP A 352 -14.00 35.66 -1.28
C TRP A 352 -13.78 35.84 -2.79
N GLU A 353 -12.50 35.82 -3.23
CA GLU A 353 -12.13 35.94 -4.63
C GLU A 353 -12.70 34.83 -5.52
N GLU A 354 -12.66 33.56 -5.05
CA GLU A 354 -13.17 32.39 -5.79
C GLU A 354 -14.68 32.27 -5.80
N THR A 355 -15.33 32.70 -4.71
CA THR A 355 -16.78 32.60 -4.57
C THR A 355 -17.48 33.72 -5.34
N PHE A 356 -16.76 34.82 -5.66
CA PHE A 356 -17.36 35.96 -6.36
C PHE A 356 -16.65 36.40 -7.66
N ASN A 357 -15.77 35.55 -8.24
CA ASN A 357 -14.94 35.82 -9.43
C ASN A 357 -14.51 37.30 -9.33
N CYS A 358 -13.79 37.55 -8.25
CA CYS A 358 -13.47 38.81 -7.61
C CYS A 358 -11.99 39.24 -7.58
N HIS A 359 -11.77 40.49 -7.08
CA HIS A 359 -10.51 41.20 -6.80
C HIS A 359 -9.45 41.09 -7.89
N PRO A 393 -12.03 42.53 -12.40
CA PRO A 393 -13.17 42.87 -11.53
C PRO A 393 -12.73 43.13 -10.11
N LEU A 394 -13.55 43.87 -9.32
CA LEU A 394 -13.22 44.21 -7.93
C LEU A 394 -14.34 43.92 -6.93
N CYS A 395 -13.97 43.75 -5.64
CA CYS A 395 -14.90 43.47 -4.53
C CYS A 395 -15.15 44.69 -3.70
N THR A 396 -16.39 44.82 -3.23
CA THR A 396 -16.80 45.88 -2.32
C THR A 396 -16.39 45.43 -0.91
N GLY A 397 -16.52 44.12 -0.67
CA GLY A 397 -16.28 43.47 0.62
C GLY A 397 -17.60 43.30 1.34
N ASP A 398 -18.59 44.06 0.88
CA ASP A 398 -19.97 44.12 1.36
C ASP A 398 -20.87 43.10 0.64
N GLU A 399 -20.27 42.20 -0.20
CA GLU A 399 -20.96 41.15 -0.96
C GLU A 399 -21.62 40.13 -0.02
N ASN A 400 -22.76 39.55 -0.45
CA ASN A 400 -23.53 38.57 0.34
C ASN A 400 -23.17 37.14 -0.07
N ILE A 401 -22.96 36.23 0.91
CA ILE A 401 -22.57 34.85 0.60
C ILE A 401 -23.77 33.90 0.38
N ASN A 402 -24.98 34.29 0.78
CA ASN A 402 -26.18 33.49 0.55
C ASN A 402 -26.55 33.43 -0.94
N SER A 403 -26.21 34.49 -1.69
CA SER A 403 -26.47 34.65 -3.12
C SER A 403 -25.77 33.62 -4.01
N VAL A 404 -24.46 33.39 -3.81
CA VAL A 404 -23.70 32.43 -4.62
C VAL A 404 -23.86 31.00 -4.06
N GLU A 405 -24.09 30.04 -4.96
CA GLU A 405 -24.24 28.64 -4.61
C GLU A 405 -22.88 27.94 -4.79
N THR A 406 -22.24 27.65 -3.65
CA THR A 406 -20.97 26.94 -3.52
C THR A 406 -21.16 25.89 -2.43
N PRO A 407 -20.37 24.79 -2.41
CA PRO A 407 -20.54 23.78 -1.36
C PRO A 407 -20.26 24.26 0.08
N TYR A 408 -19.80 25.53 0.25
CA TYR A 408 -19.53 26.16 1.54
C TYR A 408 -20.77 26.22 2.42
N ILE A 409 -21.90 26.61 1.83
CA ILE A 409 -23.19 26.71 2.52
C ILE A 409 -24.17 25.65 1.99
N ASP A 410 -23.94 25.20 0.74
CA ASP A 410 -24.77 24.23 0.05
C ASP A 410 -24.49 22.80 0.52
N TYR A 411 -24.82 22.54 1.80
CA TYR A 411 -24.71 21.23 2.43
C TYR A 411 -26.02 20.88 3.16
N THR A 412 -26.28 19.59 3.35
CA THR A 412 -27.48 19.09 4.04
C THR A 412 -27.13 18.52 5.41
N HIS A 413 -26.00 17.81 5.49
CA HIS A 413 -25.52 17.20 6.73
C HIS A 413 -24.06 17.46 6.93
N LEU A 414 -23.64 17.66 8.19
CA LEU A 414 -22.26 17.87 8.59
C LEU A 414 -21.75 16.51 9.02
N ARG A 415 -20.86 15.92 8.21
CA ARG A 415 -20.30 14.60 8.46
C ARG A 415 -18.79 14.71 8.73
N ILE A 416 -17.96 15.04 7.70
CA ILE A 416 -16.51 15.25 7.84
C ILE A 416 -16.29 16.51 8.66
N SER A 417 -17.12 17.55 8.43
CA SER A 417 -17.09 18.81 9.19
C SER A 417 -17.28 18.51 10.67
N TYR A 418 -18.18 17.57 10.97
CA TYR A 418 -18.45 17.12 12.32
C TYR A 418 -17.23 16.40 12.90
N ASN A 419 -16.55 15.58 12.08
CA ASN A 419 -15.34 14.84 12.46
C ASN A 419 -14.22 15.81 12.82
N VAL A 420 -14.15 16.99 12.15
CA VAL A 420 -13.15 18.05 12.42
C VAL A 420 -13.44 18.61 13.81
N TYR A 421 -14.72 18.96 14.05
CA TYR A 421 -15.27 19.48 15.30
C TYR A 421 -14.95 18.48 16.43
N LEU A 422 -15.23 17.20 16.19
CA LEU A 422 -15.00 16.10 17.11
C LEU A 422 -13.52 15.87 17.39
N ALA A 423 -12.64 16.07 16.36
CA ALA A 423 -11.18 15.91 16.48
C ALA A 423 -10.61 16.96 17.43
N VAL A 424 -11.03 18.23 17.28
CA VAL A 424 -10.60 19.35 18.13
C VAL A 424 -11.06 19.11 19.58
N TYR A 425 -12.30 18.63 19.75
CA TYR A 425 -12.83 18.35 21.09
C TYR A 425 -12.15 17.19 21.78
N SER A 426 -11.65 16.21 21.00
CA SER A 426 -10.93 15.06 21.53
C SER A 426 -9.64 15.53 22.17
N ILE A 427 -8.92 16.46 21.49
CA ILE A 427 -7.67 17.07 21.98
C ILE A 427 -8.00 17.94 23.23
N ALA A 428 -9.08 18.75 23.14
CA ALA A 428 -9.53 19.62 24.24
C ALA A 428 -9.81 18.80 25.51
N HIS A 429 -10.59 17.72 25.36
CA HIS A 429 -10.93 16.80 26.47
C HIS A 429 -9.70 16.07 27.03
N ALA A 430 -8.73 15.75 26.18
CA ALA A 430 -7.48 15.09 26.57
C ALA A 430 -6.62 16.03 27.42
N LEU A 431 -6.58 17.32 27.05
CA LEU A 431 -5.86 18.35 27.77
C LEU A 431 -6.58 18.66 29.09
N GLN A 432 -7.91 18.58 29.12
CA GLN A 432 -8.69 18.81 30.33
C GLN A 432 -8.39 17.74 31.39
N ASP A 433 -8.23 16.48 30.96
CA ASP A 433 -7.91 15.34 31.83
C ASP A 433 -6.54 15.48 32.50
N ILE A 434 -5.58 16.16 31.81
CA ILE A 434 -4.25 16.45 32.33
C ILE A 434 -4.41 17.49 33.43
N TYR A 435 -5.13 18.55 33.10
CA TYR A 435 -5.45 19.72 33.92
C TYR A 435 -6.19 19.36 35.24
N THR A 436 -7.28 18.59 35.15
CA THR A 436 -8.12 18.23 36.30
C THR A 436 -7.59 17.00 37.05
N CYS A 437 -6.36 16.58 36.75
CA CYS A 437 -5.71 15.44 37.39
C CYS A 437 -5.52 15.72 38.88
N LEU A 438 -5.68 14.68 39.71
CA LEU A 438 -5.61 14.70 41.17
C LEU A 438 -4.34 13.94 41.63
N PRO A 439 -3.50 14.59 42.47
CA PRO A 439 -2.22 14.04 42.91
C PRO A 439 -1.83 12.58 42.55
N GLY A 440 -2.49 11.58 43.12
CA GLY A 440 -2.10 10.19 42.88
C GLY A 440 -2.88 9.40 41.85
N ARG A 441 -3.81 10.04 41.11
CA ARG A 441 -4.65 9.39 40.10
C ARG A 441 -4.19 9.64 38.65
N GLY A 442 -2.93 10.04 38.50
CA GLY A 442 -2.32 10.34 37.21
C GLY A 442 -2.00 9.11 36.38
N LEU A 443 -1.78 9.33 35.07
CA LEU A 443 -1.46 8.26 34.11
C LEU A 443 0.05 8.07 33.98
N PHE A 444 0.82 9.03 34.51
CA PHE A 444 2.27 9.06 34.47
C PHE A 444 2.92 8.25 35.65
N THR A 445 4.28 8.17 35.67
CA THR A 445 5.08 7.39 36.64
C THR A 445 4.67 7.67 38.10
N ASN A 446 4.47 6.60 38.88
CA ASN A 446 4.04 6.61 40.29
C ASN A 446 2.63 7.19 40.50
N GLY A 447 1.90 7.43 39.40
CA GLY A 447 0.56 8.00 39.40
C GLY A 447 0.58 9.51 39.45
N SER A 448 1.68 10.11 38.98
CA SER A 448 1.89 11.56 38.94
C SER A 448 1.11 12.25 37.84
N CYS A 449 0.83 13.53 38.05
CA CYS A 449 0.09 14.35 37.10
C CYS A 449 1.06 15.28 36.35
N ALA A 450 0.76 15.56 35.09
CA ALA A 450 1.55 16.48 34.28
C ALA A 450 1.13 17.89 34.64
N ASP A 451 1.99 18.84 34.32
CA ASP A 451 1.73 20.25 34.54
C ASP A 451 1.21 20.80 33.20
N ILE A 452 -0.03 21.31 33.19
CA ILE A 452 -0.64 21.83 31.96
C ILE A 452 0.10 23.06 31.44
N LYS A 453 0.71 23.82 32.35
CA LYS A 453 1.48 25.02 32.02
C LYS A 453 2.78 24.65 31.29
N LYS A 454 3.28 23.42 31.50
CA LYS A 454 4.51 22.89 30.90
C LYS A 454 4.17 21.61 30.10
N VAL A 455 2.95 21.54 29.51
CA VAL A 455 2.44 20.37 28.78
C VAL A 455 3.23 20.09 27.49
N GLU A 456 3.63 18.83 27.32
CA GLU A 456 4.36 18.31 26.16
C GLU A 456 3.44 17.41 25.35
N ALA A 457 3.65 17.33 24.03
CA ALA A 457 2.83 16.56 23.08
C ALA A 457 2.62 15.09 23.46
N TRP A 458 3.69 14.42 23.95
CA TRP A 458 3.63 13.01 24.34
C TRP A 458 2.65 12.75 25.49
N GLN A 459 2.47 13.76 26.37
CA GLN A 459 1.55 13.68 27.51
C GLN A 459 0.11 13.68 27.01
N VAL A 460 -0.18 14.53 26.00
CA VAL A 460 -1.49 14.65 25.34
C VAL A 460 -1.79 13.32 24.63
N LEU A 461 -0.75 12.65 24.07
CA LEU A 461 -0.87 11.37 23.36
C LEU A 461 -1.29 10.24 24.31
N LYS A 462 -0.63 10.17 25.48
CA LYS A 462 -0.89 9.21 26.56
C LYS A 462 -2.37 9.25 26.94
N HIS A 463 -2.92 10.45 27.04
CA HIS A 463 -4.30 10.72 27.41
C HIS A 463 -5.28 10.41 26.29
N LEU A 464 -4.91 10.72 25.03
CA LEU A 464 -5.74 10.48 23.85
C LEU A 464 -5.91 9.01 23.53
N ARG A 465 -4.87 8.19 23.86
CA ARG A 465 -4.80 6.76 23.57
C ARG A 465 -6.03 6.02 24.01
N HIS A 466 -6.36 6.10 25.26
CA HIS A 466 -7.58 5.44 25.66
C HIS A 466 -8.49 6.50 26.31
N LEU A 467 -8.81 7.55 25.51
CA LEU A 467 -9.68 8.63 25.92
C LEU A 467 -11.15 8.20 25.75
N GLN A 468 -11.96 8.64 26.73
CA GLN A 468 -13.40 8.44 26.81
C GLN A 468 -14.01 9.75 27.24
N PHE A 469 -14.86 10.35 26.40
CA PHE A 469 -15.51 11.61 26.72
C PHE A 469 -16.94 11.68 26.20
N THR A 470 -17.73 12.63 26.76
CA THR A 470 -19.10 12.82 26.35
C THR A 470 -19.17 13.96 25.37
N ASN A 471 -19.69 13.64 24.21
CA ASN A 471 -19.96 14.45 23.03
C ASN A 471 -20.85 15.69 23.39
N ASN A 472 -20.80 16.75 22.60
CA ASN A 472 -21.65 17.92 22.81
C ASN A 472 -23.10 17.60 22.45
N MET A 473 -23.32 16.37 21.90
CA MET A 473 -24.63 15.81 21.57
C MET A 473 -25.12 14.87 22.68
N GLY A 474 -24.30 14.70 23.72
CA GLY A 474 -24.51 13.84 24.88
C GLY A 474 -24.20 12.38 24.66
N GLU A 475 -23.42 12.05 23.59
CA GLU A 475 -23.06 10.68 23.23
C GLU A 475 -21.67 10.30 23.70
N GLN A 476 -21.44 9.02 23.99
CA GLN A 476 -20.13 8.56 24.43
C GLN A 476 -19.16 8.38 23.26
N VAL A 477 -18.00 9.05 23.34
CA VAL A 477 -16.96 9.01 22.31
C VAL A 477 -15.73 8.32 22.88
N THR A 478 -15.31 7.19 22.28
CA THR A 478 -14.12 6.46 22.70
C THR A 478 -13.31 5.89 21.51
N PHE A 479 -12.00 5.90 21.66
CA PHE A 479 -11.03 5.39 20.73
C PHE A 479 -10.62 4.01 21.17
N ASP A 480 -10.60 3.07 20.23
CA ASP A 480 -10.22 1.71 20.53
C ASP A 480 -8.69 1.58 20.68
N GLU A 481 -8.20 0.32 20.76
CA GLU A 481 -6.78 0.03 20.95
C GLU A 481 -5.90 0.42 19.74
N CYS A 482 -6.51 0.71 18.58
CA CYS A 482 -5.86 1.11 17.33
C CYS A 482 -6.10 2.60 17.01
N GLY A 483 -6.58 3.38 18.00
CA GLY A 483 -6.89 4.79 17.89
C GLY A 483 -8.03 5.11 16.95
N ASP A 484 -8.93 4.16 16.72
CA ASP A 484 -10.09 4.34 15.82
C ASP A 484 -11.41 4.53 16.56
N LEU A 485 -12.35 5.19 15.88
CA LEU A 485 -13.73 5.36 16.35
C LEU A 485 -14.55 4.40 15.51
N VAL A 486 -15.50 3.72 16.11
CA VAL A 486 -16.38 2.80 15.40
C VAL A 486 -17.67 3.59 15.07
N GLY A 487 -18.16 3.46 13.84
CA GLY A 487 -19.33 4.19 13.41
C GLY A 487 -20.15 3.47 12.37
N ASN A 488 -21.44 3.78 12.34
CA ASN A 488 -22.36 3.20 11.37
C ASN A 488 -22.26 3.98 10.06
N TYR A 489 -22.83 3.43 8.97
CA TYR A 489 -22.87 4.10 7.69
C TYR A 489 -24.33 4.24 7.26
N SER A 490 -24.63 5.36 6.61
CA SER A 490 -25.91 5.65 5.97
C SER A 490 -25.70 5.25 4.50
N ILE A 491 -26.69 4.62 3.89
CA ILE A 491 -26.58 4.25 2.48
C ILE A 491 -27.41 5.24 1.66
N ILE A 492 -26.76 5.94 0.73
CA ILE A 492 -27.38 6.96 -0.10
C ILE A 492 -27.50 6.53 -1.56
N ASN A 493 -28.47 7.10 -2.31
CA ASN A 493 -28.71 6.84 -3.72
C ASN A 493 -28.73 8.14 -4.48
N TRP A 494 -28.12 8.16 -5.65
CA TRP A 494 -28.00 9.37 -6.47
C TRP A 494 -29.26 9.59 -7.33
N HIS A 495 -30.13 10.47 -6.84
CA HIS A 495 -31.36 10.86 -7.51
C HIS A 495 -31.20 12.25 -8.09
N LEU A 496 -32.13 12.66 -8.97
CA LEU A 496 -32.14 13.99 -9.58
C LEU A 496 -33.35 14.74 -9.07
N SER A 497 -33.13 15.95 -8.54
CA SER A 497 -34.23 16.72 -7.98
C SER A 497 -35.09 17.22 -9.14
N PRO A 498 -36.42 17.00 -9.11
CA PRO A 498 -37.25 17.43 -10.26
C PRO A 498 -37.27 18.97 -10.42
N GLU A 499 -37.48 19.68 -9.28
CA GLU A 499 -37.52 21.13 -9.18
C GLU A 499 -36.12 21.73 -9.40
N ASP A 500 -35.13 21.32 -8.57
CA ASP A 500 -33.75 21.79 -8.56
C ASP A 500 -32.93 21.43 -9.80
N GLY A 501 -32.96 20.15 -10.20
CA GLY A 501 -32.18 19.61 -11.33
C GLY A 501 -30.77 19.18 -10.92
N SER A 502 -30.50 19.29 -9.61
CA SER A 502 -29.23 18.94 -9.02
C SER A 502 -29.30 17.52 -8.47
N ILE A 503 -28.11 16.88 -8.27
CA ILE A 503 -28.05 15.52 -7.75
C ILE A 503 -28.34 15.51 -6.25
N VAL A 504 -29.44 14.86 -5.88
CA VAL A 504 -29.92 14.74 -4.51
C VAL A 504 -29.50 13.36 -3.98
N PHE A 505 -28.95 13.32 -2.76
CA PHE A 505 -28.50 12.08 -2.13
C PHE A 505 -29.58 11.56 -1.17
N LYS A 506 -30.47 10.69 -1.69
CA LYS A 506 -31.55 10.15 -0.88
C LYS A 506 -31.06 8.95 -0.06
N GLU A 507 -31.25 9.01 1.28
CA GLU A 507 -30.86 7.95 2.21
C GLU A 507 -31.83 6.78 2.01
N VAL A 508 -31.34 5.70 1.38
CA VAL A 508 -32.13 4.51 1.07
C VAL A 508 -31.89 3.33 2.03
N GLY A 509 -30.93 3.47 2.92
CA GLY A 509 -30.61 2.42 3.88
C GLY A 509 -29.55 2.81 4.89
N TYR A 510 -29.10 1.84 5.68
CA TYR A 510 -28.06 1.99 6.69
C TYR A 510 -27.30 0.68 6.87
N TYR A 511 -26.09 0.78 7.42
CA TYR A 511 -25.25 -0.33 7.76
C TYR A 511 -24.86 -0.19 9.22
N ASN A 512 -25.44 -1.04 10.06
CA ASN A 512 -25.23 -1.06 11.50
C ASN A 512 -24.07 -2.00 11.79
N VAL A 513 -22.92 -1.45 12.18
CA VAL A 513 -21.70 -2.23 12.46
C VAL A 513 -21.79 -2.97 13.82
N TYR A 514 -22.68 -2.51 14.72
CA TYR A 514 -22.87 -3.12 16.04
C TYR A 514 -23.67 -4.41 15.98
N ALA A 515 -24.50 -4.58 14.92
CA ALA A 515 -25.33 -5.76 14.70
C ALA A 515 -24.50 -7.00 14.34
N LYS A 516 -25.09 -8.20 14.49
CA LYS A 516 -24.45 -9.48 14.18
C LYS A 516 -24.29 -9.65 12.67
N LYS A 517 -23.27 -10.41 12.23
CA LYS A 517 -22.98 -10.66 10.81
C LYS A 517 -24.19 -11.23 10.10
N GLY A 518 -24.58 -10.59 9.00
CA GLY A 518 -25.75 -10.94 8.21
C GLY A 518 -26.99 -10.12 8.57
N GLU A 519 -26.94 -9.42 9.73
CA GLU A 519 -28.02 -8.56 10.23
C GLU A 519 -27.58 -7.09 10.27
N ARG A 520 -26.42 -6.79 9.65
CA ARG A 520 -25.82 -5.45 9.62
C ARG A 520 -26.44 -4.51 8.59
N LEU A 521 -26.83 -5.05 7.45
CA LEU A 521 -27.40 -4.29 6.33
C LEU A 521 -28.92 -4.16 6.35
N PHE A 522 -29.40 -2.94 6.11
CA PHE A 522 -30.80 -2.60 5.94
C PHE A 522 -30.90 -1.74 4.70
N ILE A 523 -31.69 -2.19 3.73
CA ILE A 523 -31.96 -1.48 2.49
C ILE A 523 -33.47 -1.45 2.24
N ASN A 524 -33.94 -0.34 1.67
CA ASN A 524 -35.31 -0.15 1.24
C ASN A 524 -35.25 0.00 -0.29
N GLU A 525 -35.46 -1.12 -1.02
CA GLU A 525 -35.42 -1.20 -2.48
C GLU A 525 -36.35 -0.17 -3.13
N GLU A 526 -37.51 0.08 -2.50
CA GLU A 526 -38.56 1.01 -2.93
C GLU A 526 -38.08 2.47 -3.07
N LYS A 527 -37.09 2.87 -2.27
CA LYS A 527 -36.50 4.21 -2.29
C LYS A 527 -35.40 4.39 -3.36
N ILE A 528 -34.88 3.28 -3.92
CA ILE A 528 -33.82 3.26 -4.92
C ILE A 528 -34.34 3.50 -6.33
N LEU A 529 -33.63 4.33 -7.11
CA LEU A 529 -33.90 4.62 -8.51
C LEU A 529 -32.69 4.16 -9.34
N TRP A 530 -32.73 2.90 -9.81
CA TRP A 530 -31.68 2.26 -10.61
C TRP A 530 -31.37 3.06 -11.86
N SER A 531 -30.09 3.39 -12.08
CA SER A 531 -29.59 4.19 -13.22
C SER A 531 -30.13 5.64 -13.23
N GLY A 532 -30.86 5.98 -12.17
CA GLY A 532 -31.47 7.29 -11.96
C GLY A 532 -32.93 7.34 -12.31
N PHE A 533 -33.41 6.35 -13.11
CA PHE A 533 -34.79 6.23 -13.59
C PHE A 533 -35.43 4.88 -13.30
N SER A 534 -34.86 3.76 -13.83
CA SER A 534 -35.35 2.37 -13.68
C SER A 534 -35.81 2.01 -12.26
N ARG A 535 -36.88 1.21 -12.19
CA ARG A 535 -37.50 0.76 -10.97
C ARG A 535 -37.31 -0.75 -10.78
N GLU A 536 -36.57 -1.37 -11.69
CA GLU A 536 -36.27 -2.79 -11.71
C GLU A 536 -34.80 -3.02 -11.35
N VAL A 537 -34.54 -3.93 -10.38
CA VAL A 537 -33.20 -4.32 -9.95
C VAL A 537 -32.45 -4.90 -11.18
N PRO A 538 -31.33 -4.28 -11.60
CA PRO A 538 -30.66 -4.74 -12.83
C PRO A 538 -30.03 -6.12 -12.71
N PHE A 539 -29.86 -6.77 -13.87
CA PHE A 539 -29.24 -8.07 -13.97
C PHE A 539 -27.72 -7.86 -14.08
N SER A 540 -26.95 -8.55 -13.23
CA SER A 540 -25.49 -8.44 -13.25
C SER A 540 -24.80 -9.74 -12.81
N ASN A 541 -25.24 -10.86 -13.41
CA ASN A 541 -24.65 -12.19 -13.23
C ASN A 541 -23.89 -12.45 -14.54
N CYS A 542 -22.91 -13.36 -14.53
CA CYS A 542 -22.11 -13.64 -15.73
C CYS A 542 -22.93 -14.36 -16.78
N SER A 543 -23.67 -15.38 -16.36
CA SER A 543 -24.52 -16.19 -17.23
C SER A 543 -25.94 -16.17 -16.69
N ARG A 544 -26.92 -16.30 -17.60
CA ARG A 544 -28.31 -16.36 -17.20
C ARG A 544 -28.58 -17.76 -16.67
N ASP A 545 -29.43 -17.87 -15.64
CA ASP A 545 -29.74 -19.12 -14.95
C ASP A 545 -30.20 -20.25 -15.84
N CYS A 546 -29.72 -21.48 -15.53
CA CYS A 546 -30.06 -22.71 -16.27
C CYS A 546 -31.47 -23.11 -15.92
N LEU A 547 -32.33 -23.23 -16.94
CA LEU A 547 -33.73 -23.64 -16.77
C LEU A 547 -33.84 -25.16 -16.67
N ALA A 548 -35.05 -25.66 -16.33
CA ALA A 548 -35.37 -27.09 -16.26
C ALA A 548 -35.14 -27.74 -17.61
N GLY A 549 -34.51 -28.91 -17.59
CA GLY A 549 -34.15 -29.67 -18.78
C GLY A 549 -32.69 -29.53 -19.15
N THR A 550 -31.99 -28.57 -18.49
CA THR A 550 -30.56 -28.29 -18.66
C THR A 550 -29.82 -28.29 -17.31
N ARG A 551 -28.50 -28.52 -17.35
CA ARG A 551 -27.59 -28.52 -16.20
C ARG A 551 -26.44 -27.53 -16.43
N LYS A 552 -25.80 -27.10 -15.34
CA LYS A 552 -24.67 -26.17 -15.36
C LYS A 552 -23.42 -26.90 -15.85
N GLY A 553 -22.76 -26.29 -16.83
CA GLY A 553 -21.53 -26.79 -17.40
C GLY A 553 -20.40 -25.80 -17.23
N ILE A 554 -19.19 -26.30 -16.99
CA ILE A 554 -17.97 -25.53 -16.82
C ILE A 554 -17.55 -24.85 -18.13
N ILE A 555 -16.97 -23.65 -18.01
CA ILE A 555 -16.36 -22.92 -19.11
C ILE A 555 -14.89 -22.79 -18.73
N GLU A 556 -14.02 -23.44 -19.51
CA GLU A 556 -12.57 -23.43 -19.31
C GLU A 556 -12.02 -22.01 -19.46
N GLY A 557 -11.21 -21.61 -18.47
CA GLY A 557 -10.61 -20.28 -18.41
C GLY A 557 -11.47 -19.22 -17.73
N GLU A 558 -12.81 -19.42 -17.72
CA GLU A 558 -13.77 -18.49 -17.11
C GLU A 558 -14.07 -18.85 -15.65
N PRO A 559 -14.39 -17.86 -14.75
CA PRO A 559 -14.61 -18.23 -13.34
C PRO A 559 -15.89 -19.02 -13.10
N THR A 560 -15.98 -19.58 -11.87
CA THR A 560 -17.02 -20.46 -11.36
C THR A 560 -18.45 -19.96 -11.61
N CYS A 561 -18.70 -18.65 -11.61
CA CYS A 561 -20.08 -18.18 -11.79
C CYS A 561 -20.39 -17.75 -13.26
N CYS A 562 -19.57 -18.27 -14.20
CA CYS A 562 -19.72 -18.21 -15.66
C CYS A 562 -19.89 -19.66 -16.08
N PHE A 563 -21.10 -19.99 -16.52
CA PHE A 563 -21.46 -21.36 -16.87
C PHE A 563 -22.24 -21.48 -18.17
N GLU A 564 -22.16 -22.68 -18.74
CA GLU A 564 -22.86 -23.13 -19.96
C GLU A 564 -24.10 -23.88 -19.47
N CYS A 565 -25.22 -23.80 -20.21
CA CYS A 565 -26.42 -24.57 -19.82
C CYS A 565 -26.57 -25.75 -20.78
N VAL A 566 -25.96 -26.90 -20.41
CA VAL A 566 -25.92 -28.13 -21.19
C VAL A 566 -27.26 -28.87 -21.06
N GLU A 567 -27.93 -29.17 -22.20
CA GLU A 567 -29.21 -29.89 -22.24
C GLU A 567 -28.99 -31.33 -21.74
N CYS A 568 -29.88 -31.81 -20.86
CA CYS A 568 -29.80 -33.13 -20.22
C CYS A 568 -29.77 -34.25 -21.24
N PRO A 569 -29.00 -35.33 -21.00
CA PRO A 569 -28.99 -36.44 -21.97
C PRO A 569 -30.28 -37.26 -21.90
N ASP A 570 -30.56 -38.07 -22.94
CA ASP A 570 -31.76 -38.90 -22.99
C ASP A 570 -31.65 -40.00 -21.93
N GLY A 571 -32.67 -40.08 -21.08
CA GLY A 571 -32.73 -41.00 -19.94
C GLY A 571 -32.50 -40.28 -18.61
N GLU A 572 -32.14 -38.99 -18.69
CA GLU A 572 -31.88 -38.10 -17.56
C GLU A 572 -32.76 -36.85 -17.60
N TYR A 573 -32.99 -36.22 -16.43
CA TYR A 573 -33.83 -35.03 -16.33
C TYR A 573 -33.30 -34.01 -15.32
N SER A 574 -33.67 -32.73 -15.56
CA SER A 574 -33.34 -31.58 -14.73
C SER A 574 -34.67 -30.95 -14.34
N ASP A 575 -35.10 -31.22 -13.11
CA ASP A 575 -36.36 -30.78 -12.54
C ASP A 575 -36.37 -29.29 -12.20
N GLU A 576 -35.32 -28.82 -11.47
CA GLU A 576 -35.26 -27.42 -11.02
C GLU A 576 -34.09 -26.62 -11.63
N THR A 577 -34.23 -25.27 -11.53
CA THR A 577 -33.33 -24.28 -12.09
C THR A 577 -31.99 -24.22 -11.38
N ASP A 578 -30.91 -24.09 -12.18
CA ASP A 578 -29.49 -24.03 -11.79
C ASP A 578 -28.96 -25.34 -11.19
N ALA A 579 -29.28 -26.48 -11.85
CA ALA A 579 -28.86 -27.82 -11.44
C ALA A 579 -27.39 -28.07 -11.78
N SER A 580 -26.67 -28.79 -10.91
CA SER A 580 -25.25 -29.12 -11.09
C SER A 580 -25.04 -30.29 -12.05
N ALA A 581 -26.02 -31.20 -12.11
CA ALA A 581 -26.03 -32.40 -12.95
C ALA A 581 -27.47 -32.87 -13.13
N CYS A 582 -27.73 -33.73 -14.14
CA CYS A 582 -29.07 -34.27 -14.37
C CYS A 582 -29.20 -35.59 -13.61
N ASN A 583 -30.42 -35.91 -13.17
CA ASN A 583 -30.70 -37.15 -12.43
C ASN A 583 -31.20 -38.21 -13.38
N LYS A 584 -30.75 -39.46 -13.16
CA LYS A 584 -31.14 -40.62 -13.96
C LYS A 584 -32.56 -41.00 -13.60
N CYS A 585 -33.40 -41.28 -14.61
CA CYS A 585 -34.79 -41.70 -14.39
C CYS A 585 -34.79 -43.13 -13.86
N PRO A 586 -35.75 -43.53 -12.97
CA PRO A 586 -35.78 -44.93 -12.49
C PRO A 586 -36.02 -45.88 -13.66
N ASP A 587 -35.40 -47.07 -13.60
CA ASP A 587 -35.35 -48.15 -14.61
C ASP A 587 -36.60 -48.31 -15.50
N ASP A 588 -37.81 -48.09 -14.96
CA ASP A 588 -39.06 -48.19 -15.73
C ASP A 588 -39.32 -47.04 -16.70
N PHE A 589 -38.89 -45.78 -16.37
CA PHE A 589 -39.21 -44.62 -17.20
C PHE A 589 -38.03 -43.90 -17.87
N TRP A 590 -38.37 -43.10 -18.89
CA TRP A 590 -37.48 -42.36 -19.77
C TRP A 590 -37.80 -40.86 -19.77
N SER A 591 -36.81 -40.01 -20.12
CA SER A 591 -36.91 -38.55 -20.19
C SER A 591 -37.91 -38.09 -21.27
N ASN A 592 -38.56 -36.92 -21.08
CA ASN A 592 -39.52 -36.41 -22.06
C ASN A 592 -38.82 -35.77 -23.31
N GLU A 593 -39.60 -35.08 -24.16
CA GLU A 593 -39.14 -34.44 -25.41
C GLU A 593 -38.02 -33.40 -25.21
N ASN A 594 -38.05 -32.66 -24.09
CA ASN A 594 -37.05 -31.63 -23.77
C ASN A 594 -36.43 -31.79 -22.35
N HIS A 595 -36.49 -33.03 -21.80
CA HIS A 595 -35.93 -33.47 -20.52
C HIS A 595 -36.41 -32.70 -19.27
N THR A 596 -37.56 -31.99 -19.39
CA THR A 596 -38.18 -31.22 -18.30
C THR A 596 -38.35 -32.11 -17.06
N SER A 597 -38.96 -33.30 -17.25
CA SER A 597 -39.20 -34.33 -16.23
C SER A 597 -39.61 -35.67 -16.87
N CYS A 598 -39.52 -36.76 -16.08
CA CYS A 598 -39.89 -38.10 -16.56
C CYS A 598 -40.86 -38.81 -15.63
N PRO B 22 21.84 11.57 14.73
CA PRO B 22 22.10 10.37 15.52
C PRO B 22 23.56 10.19 15.95
N ASP B 23 23.76 9.51 17.10
CA ASP B 23 25.07 9.24 17.70
C ASP B 23 25.91 8.27 16.85
N GLN B 24 25.36 7.06 16.60
CA GLN B 24 26.05 6.01 15.82
C GLN B 24 25.97 6.33 14.36
N ARG B 25 27.11 6.66 13.74
CA ARG B 25 27.21 7.02 12.32
C ARG B 25 28.56 6.70 11.71
N ALA B 26 28.63 6.76 10.37
CA ALA B 26 29.85 6.59 9.61
C ALA B 26 29.98 7.91 8.85
N GLN B 27 30.82 8.79 9.37
CA GLN B 27 31.04 10.13 8.82
C GLN B 27 32.49 10.30 8.39
N LYS B 28 32.70 11.07 7.32
CA LYS B 28 33.98 11.46 6.76
C LYS B 28 33.74 12.74 5.95
N LYS B 29 34.56 13.77 6.20
CA LYS B 29 34.47 15.04 5.49
C LYS B 29 34.91 14.86 4.03
N GLY B 30 34.38 15.73 3.17
CA GLY B 30 34.67 15.76 1.75
C GLY B 30 34.12 17.01 1.12
N ASP B 31 34.40 17.19 -0.17
CA ASP B 31 33.93 18.35 -0.93
C ASP B 31 32.44 18.23 -1.20
N ILE B 32 31.99 16.97 -1.47
CA ILE B 32 30.61 16.61 -1.77
C ILE B 32 30.23 15.45 -0.83
N ILE B 33 29.09 15.60 -0.11
CA ILE B 33 28.63 14.61 0.86
C ILE B 33 27.50 13.73 0.32
N LEU B 34 27.67 12.40 0.44
CA LEU B 34 26.66 11.43 0.04
C LEU B 34 26.09 10.83 1.31
N GLY B 35 24.76 10.94 1.48
CA GLY B 35 24.06 10.35 2.61
C GLY B 35 23.92 8.86 2.39
N GLY B 36 23.84 8.11 3.48
CA GLY B 36 23.69 6.65 3.41
C GLY B 36 22.71 6.12 4.44
N LEU B 37 21.91 5.13 4.06
CA LEU B 37 20.92 4.49 4.94
C LEU B 37 21.00 2.99 4.82
N PHE B 38 21.34 2.32 5.93
CA PHE B 38 21.53 0.87 5.95
C PHE B 38 20.91 0.17 7.15
N PRO B 39 20.39 -1.07 7.00
CA PRO B 39 19.83 -1.75 8.16
C PRO B 39 20.97 -2.49 8.90
N ILE B 40 21.68 -1.78 9.78
CA ILE B 40 22.78 -2.35 10.58
C ILE B 40 22.19 -3.30 11.64
N HIS B 41 20.91 -3.05 12.00
CA HIS B 41 20.08 -3.83 12.90
C HIS B 41 18.82 -4.25 12.16
N PHE B 42 18.27 -5.43 12.48
CA PHE B 42 17.08 -5.96 11.83
C PHE B 42 15.79 -5.28 12.28
N GLY B 43 15.75 -4.76 13.50
CA GLY B 43 14.57 -4.10 14.04
C GLY B 43 14.85 -3.26 15.26
N VAL B 44 13.78 -2.77 15.90
CA VAL B 44 13.83 -1.96 17.14
C VAL B 44 13.17 -2.76 18.29
N ALA B 45 13.40 -2.34 19.55
CA ALA B 45 12.80 -2.95 20.75
C ALA B 45 11.27 -2.96 20.60
N ALA B 46 10.71 -4.15 20.30
CA ALA B 46 9.28 -4.31 20.06
C ALA B 46 8.55 -4.18 21.41
N LYS B 47 8.15 -2.93 21.72
CA LYS B 47 7.48 -2.59 22.97
C LYS B 47 6.54 -1.40 22.82
N ASP B 48 5.36 -1.52 23.46
CA ASP B 48 4.40 -0.43 23.52
C ASP B 48 5.02 0.55 24.53
N GLN B 49 5.32 1.80 24.10
CA GLN B 49 5.87 2.80 25.03
C GLN B 49 4.79 3.03 26.06
N ASP B 50 5.18 2.97 27.33
CA ASP B 50 4.27 3.18 28.45
C ASP B 50 3.66 4.57 28.36
N LEU B 51 4.51 5.54 27.96
CA LEU B 51 4.28 6.97 27.88
C LEU B 51 3.98 7.54 29.28
N LYS B 52 4.35 6.78 30.33
CA LYS B 52 4.28 7.16 31.75
C LYS B 52 5.40 8.17 32.00
N SER B 53 6.53 7.98 31.31
CA SER B 53 7.71 8.84 31.35
C SER B 53 7.97 9.36 29.93
N ARG B 54 8.82 10.39 29.82
CA ARG B 54 9.22 10.98 28.56
C ARG B 54 9.85 9.90 27.68
N PRO B 55 9.39 9.77 26.42
CA PRO B 55 9.95 8.71 25.56
C PRO B 55 11.39 8.97 25.15
N GLU B 56 12.24 7.98 25.41
CA GLU B 56 13.66 8.03 25.08
C GLU B 56 13.87 7.34 23.75
N SER B 57 15.04 7.55 23.12
CA SER B 57 15.38 6.93 21.83
C SER B 57 15.30 5.41 21.93
N VAL B 58 14.50 4.80 21.02
CA VAL B 58 14.26 3.36 20.99
C VAL B 58 15.58 2.63 20.65
N GLU B 59 15.74 1.42 21.24
CA GLU B 59 16.91 0.55 21.12
C GLU B 59 16.76 -0.34 19.87
N CYS B 60 17.77 -0.33 18.96
CA CYS B 60 17.78 -1.22 17.79
C CYS B 60 18.27 -2.56 18.29
N ILE B 61 17.76 -3.70 17.78
CA ILE B 61 18.08 -4.95 18.46
C ILE B 61 18.98 -5.96 17.69
N ARG B 62 18.51 -6.66 16.65
CA ARG B 62 19.32 -7.75 16.08
C ARG B 62 20.37 -7.33 15.08
N TYR B 63 21.65 -7.56 15.39
CA TYR B 63 22.75 -7.15 14.51
C TYR B 63 22.69 -7.84 13.14
N ASN B 64 22.91 -7.04 12.08
CA ASN B 64 22.85 -7.46 10.69
C ASN B 64 24.21 -7.30 10.06
N PHE B 65 24.96 -8.42 9.97
CA PHE B 65 26.32 -8.46 9.41
C PHE B 65 26.31 -8.18 7.92
N ARG B 66 25.30 -8.73 7.20
CA ARG B 66 25.08 -8.52 5.77
C ARG B 66 24.84 -7.02 5.51
N GLY B 67 24.01 -6.41 6.38
CA GLY B 67 23.70 -4.98 6.35
C GLY B 67 24.96 -4.15 6.51
N PHE B 68 25.85 -4.57 7.46
CA PHE B 68 27.13 -3.92 7.72
C PHE B 68 28.06 -4.06 6.51
N ARG B 69 28.02 -5.21 5.81
CA ARG B 69 28.81 -5.45 4.61
C ARG B 69 28.35 -4.53 3.48
N TRP B 70 27.03 -4.19 3.40
CA TRP B 70 26.49 -3.26 2.39
C TRP B 70 26.96 -1.86 2.69
N LEU B 71 27.02 -1.48 3.98
CA LEU B 71 27.49 -0.16 4.45
C LEU B 71 28.95 -0.04 3.99
N GLN B 72 29.73 -1.12 4.18
CA GLN B 72 31.14 -1.17 3.78
C GLN B 72 31.32 -0.98 2.28
N ALA B 73 30.41 -1.54 1.43
CA ALA B 73 30.43 -1.38 -0.03
C ALA B 73 30.28 0.08 -0.44
N MET B 74 29.53 0.88 0.33
CA MET B 74 29.39 2.30 0.08
C MET B 74 30.72 3.00 0.39
N ILE B 75 31.36 2.68 1.54
CA ILE B 75 32.64 3.28 1.97
C ILE B 75 33.75 2.87 1.00
N PHE B 76 33.86 1.56 0.69
CA PHE B 76 34.83 1.00 -0.25
C PHE B 76 34.76 1.72 -1.59
N ALA B 77 33.55 1.85 -2.16
CA ALA B 77 33.31 2.55 -3.42
C ALA B 77 33.77 3.99 -3.31
N ILE B 78 33.37 4.70 -2.23
CA ILE B 78 33.74 6.11 -1.99
C ILE B 78 35.27 6.25 -1.95
N GLU B 79 35.97 5.35 -1.24
CA GLU B 79 37.42 5.37 -1.11
C GLU B 79 38.10 5.02 -2.43
N GLU B 80 37.54 4.05 -3.18
CA GLU B 80 38.02 3.64 -4.51
C GLU B 80 37.92 4.78 -5.51
N ILE B 81 36.83 5.59 -5.44
CA ILE B 81 36.63 6.76 -6.30
C ILE B 81 37.66 7.83 -5.91
N ASN B 82 37.84 8.05 -4.59
CA ASN B 82 38.76 9.04 -4.02
C ASN B 82 40.21 8.81 -4.41
N SER B 83 40.71 7.56 -4.24
CA SER B 83 42.09 7.19 -4.58
C SER B 83 42.33 7.36 -6.08
N SER B 84 41.38 6.87 -6.90
CA SER B 84 41.41 6.94 -8.35
C SER B 84 41.41 8.39 -8.88
N PRO B 85 42.29 8.71 -9.83
CA PRO B 85 42.29 10.07 -10.40
C PRO B 85 41.28 10.18 -11.55
N ALA B 86 40.89 9.02 -12.13
CA ALA B 86 39.94 8.88 -13.24
C ALA B 86 38.64 9.59 -12.93
N LEU B 87 38.17 9.44 -11.66
CA LEU B 87 36.96 10.08 -11.18
C LEU B 87 37.26 11.11 -10.13
N LEU B 88 36.78 12.33 -10.37
CA LEU B 88 36.86 13.47 -9.49
C LEU B 88 38.21 13.56 -8.74
N PRO B 89 39.35 13.76 -9.47
CA PRO B 89 40.64 13.87 -8.77
C PRO B 89 40.67 15.13 -7.92
N ASN B 90 40.04 16.18 -8.45
CA ASN B 90 39.83 17.51 -7.91
C ASN B 90 39.05 17.45 -6.59
N LEU B 91 38.03 16.57 -6.51
CA LEU B 91 37.14 16.51 -5.34
C LEU B 91 37.21 15.23 -4.54
N THR B 92 36.87 15.36 -3.26
CA THR B 92 36.78 14.31 -2.28
C THR B 92 35.30 14.05 -2.02
N LEU B 93 34.94 12.76 -2.02
CA LEU B 93 33.59 12.34 -1.70
C LEU B 93 33.59 12.02 -0.22
N GLY B 94 32.72 12.74 0.48
CA GLY B 94 32.48 12.59 1.90
C GLY B 94 31.17 11.86 2.11
N TYR B 95 30.95 11.34 3.32
CA TYR B 95 29.74 10.60 3.62
C TYR B 95 29.21 10.80 5.03
N ARG B 96 27.90 10.57 5.21
CA ARG B 96 27.14 10.60 6.45
C ARG B 96 26.16 9.43 6.36
N ILE B 97 26.58 8.29 6.92
CA ILE B 97 25.83 7.04 6.86
C ILE B 97 25.18 6.72 8.21
N PHE B 98 23.87 6.41 8.20
CA PHE B 98 23.11 6.08 9.39
C PHE B 98 22.44 4.71 9.35
N ASP B 99 22.12 4.19 10.54
CA ASP B 99 21.45 2.91 10.68
C ASP B 99 19.95 3.12 10.78
N THR B 100 19.18 2.44 9.91
CA THR B 100 17.71 2.56 9.88
C THR B 100 17.01 1.56 10.79
N CYS B 101 17.69 0.44 11.11
CA CYS B 101 17.17 -0.66 11.93
C CYS B 101 15.87 -1.21 11.29
N ASN B 102 15.79 -1.16 9.93
CA ASN B 102 14.63 -1.56 9.12
C ASN B 102 13.34 -0.85 9.59
N THR B 103 13.46 0.38 10.11
CA THR B 103 12.33 1.14 10.64
C THR B 103 12.25 2.54 10.04
N VAL B 104 11.01 2.95 9.73
CA VAL B 104 10.65 4.25 9.15
C VAL B 104 11.12 5.39 10.07
N SER B 105 10.85 5.27 11.38
CA SER B 105 11.20 6.28 12.38
C SER B 105 12.71 6.55 12.44
N LYS B 106 13.54 5.51 12.64
CA LYS B 106 15.00 5.66 12.68
C LYS B 106 15.54 6.25 11.36
N ALA B 107 15.01 5.79 10.22
CA ALA B 107 15.37 6.29 8.89
C ALA B 107 15.02 7.77 8.64
N LEU B 108 13.87 8.22 9.18
CA LEU B 108 13.38 9.60 9.08
C LEU B 108 14.18 10.56 9.98
N GLU B 109 14.63 10.05 11.16
CA GLU B 109 15.45 10.80 12.12
C GLU B 109 16.71 11.21 11.38
N ALA B 110 17.37 10.23 10.74
CA ALA B 110 18.54 10.38 9.90
C ALA B 110 18.29 11.31 8.69
N THR B 111 17.16 11.11 7.98
CA THR B 111 16.81 11.91 6.80
C THR B 111 16.65 13.38 7.18
N LEU B 112 16.13 13.66 8.39
CA LEU B 112 15.96 15.03 8.87
C LEU B 112 17.30 15.74 9.00
N SER B 113 18.36 14.97 9.34
CA SER B 113 19.72 15.46 9.41
C SER B 113 20.25 15.80 7.99
N PHE B 114 19.98 14.94 6.98
CA PHE B 114 20.42 15.17 5.61
C PHE B 114 19.86 16.47 5.00
N VAL B 115 18.65 16.85 5.41
CA VAL B 115 17.90 18.00 4.91
C VAL B 115 17.99 19.25 5.81
N ALA B 116 18.76 19.16 6.94
CA ALA B 116 18.93 20.21 7.95
C ALA B 116 19.16 21.63 7.40
N GLN B 117 19.98 21.75 6.35
CA GLN B 117 20.36 23.00 5.67
C GLN B 117 19.21 23.57 4.82
N ASN B 118 18.53 22.68 4.10
CA ASN B 118 17.42 23.00 3.19
C ASN B 118 16.16 23.47 3.95
N LYS B 119 15.85 22.77 5.09
CA LYS B 119 14.70 22.89 6.01
C LYS B 119 14.45 24.31 6.57
N ILE B 120 15.51 25.13 6.71
CA ILE B 120 15.52 26.49 7.26
C ILE B 120 14.40 27.42 6.64
N ASP B 121 13.94 27.14 5.39
CA ASP B 121 12.85 27.90 4.73
C ASP B 121 11.49 27.75 5.45
N SER B 122 11.34 26.70 6.29
CA SER B 122 10.15 26.40 7.08
C SER B 122 10.50 26.28 8.56
N PRO B 136 26.22 21.39 6.58
CA PRO B 136 26.89 20.63 5.51
C PRO B 136 25.87 19.91 4.62
N SER B 137 25.73 20.35 3.35
CA SER B 137 24.75 19.82 2.41
C SER B 137 24.94 18.36 2.04
N THR B 138 23.81 17.66 1.88
CA THR B 138 23.76 16.28 1.40
C THR B 138 23.20 16.46 -0.01
N ILE B 139 24.01 16.08 -1.02
CA ILE B 139 23.62 16.25 -2.41
C ILE B 139 22.85 15.04 -2.96
N ALA B 140 23.07 13.86 -2.36
CA ALA B 140 22.44 12.61 -2.79
C ALA B 140 22.43 11.63 -1.64
N VAL B 141 21.48 10.67 -1.66
CA VAL B 141 21.33 9.66 -0.61
C VAL B 141 21.32 8.26 -1.21
N VAL B 142 22.07 7.33 -0.59
CA VAL B 142 22.11 5.91 -0.97
C VAL B 142 21.23 5.17 0.06
N GLY B 143 20.21 4.51 -0.46
CA GLY B 143 19.26 3.73 0.32
C GLY B 143 17.81 4.10 0.07
N ALA B 144 16.87 3.51 0.82
CA ALA B 144 17.14 2.51 1.85
C ALA B 144 16.92 1.08 1.30
N THR B 145 16.70 0.09 2.18
CA THR B 145 16.50 -1.30 1.80
C THR B 145 15.01 -1.60 1.59
N GLY B 146 14.23 -1.49 2.66
CA GLY B 146 12.80 -1.74 2.63
C GLY B 146 12.05 -0.65 1.93
N SER B 147 11.13 -1.04 1.03
CA SER B 147 10.30 -0.12 0.23
C SER B 147 9.49 0.84 1.11
N GLY B 148 9.01 0.34 2.26
CA GLY B 148 8.29 1.13 3.25
C GLY B 148 9.16 2.24 3.79
N VAL B 149 10.44 1.91 4.09
CA VAL B 149 11.44 2.87 4.56
C VAL B 149 11.82 3.87 3.43
N SER B 150 12.10 3.36 2.20
CA SER B 150 12.47 4.21 1.07
C SER B 150 11.38 5.20 0.68
N THR B 151 10.10 4.79 0.75
CA THR B 151 8.96 5.67 0.47
C THR B 151 8.89 6.83 1.48
N ALA B 152 9.09 6.55 2.77
CA ALA B 152 9.06 7.58 3.82
C ALA B 152 10.20 8.58 3.63
N VAL B 153 11.41 8.07 3.30
CA VAL B 153 12.61 8.86 3.04
C VAL B 153 12.40 9.71 1.76
N ALA B 154 11.85 9.08 0.71
CA ALA B 154 11.57 9.71 -0.58
C ALA B 154 10.62 10.90 -0.49
N ASN B 155 9.60 10.81 0.37
CA ASN B 155 8.60 11.85 0.59
C ASN B 155 9.28 13.13 1.11
N LEU B 156 10.27 12.95 2.00
CA LEU B 156 11.02 14.03 2.63
C LEU B 156 12.13 14.55 1.70
N LEU B 157 12.91 13.65 1.07
CA LEU B 157 13.98 14.05 0.14
C LEU B 157 13.46 14.71 -1.12
N GLY B 158 12.38 14.15 -1.69
CA GLY B 158 11.72 14.63 -2.90
C GLY B 158 11.34 16.08 -2.82
N LEU B 159 10.96 16.54 -1.61
CA LEU B 159 10.57 17.91 -1.25
C LEU B 159 11.70 18.90 -1.58
N PHE B 160 12.94 18.50 -1.29
CA PHE B 160 14.15 19.31 -1.46
C PHE B 160 14.95 18.90 -2.69
N TYR B 161 14.34 18.07 -3.55
CA TYR B 161 14.89 17.54 -4.80
C TYR B 161 16.26 16.88 -4.65
N ILE B 162 16.52 16.27 -3.47
CA ILE B 162 17.76 15.54 -3.21
C ILE B 162 17.59 14.15 -3.85
N PRO B 163 18.43 13.77 -4.85
CA PRO B 163 18.29 12.43 -5.45
C PRO B 163 18.54 11.31 -4.44
N GLN B 164 17.80 10.23 -4.63
CA GLN B 164 17.89 9.09 -3.75
C GLN B 164 18.03 7.86 -4.62
N VAL B 165 19.10 7.11 -4.37
CA VAL B 165 19.40 5.90 -5.13
C VAL B 165 19.31 4.70 -4.19
N SER B 166 18.24 3.92 -4.31
CA SER B 166 18.11 2.72 -3.49
C SER B 166 18.72 1.52 -4.18
N TYR B 167 19.46 0.74 -3.42
CA TYR B 167 20.14 -0.48 -3.83
C TYR B 167 19.26 -1.72 -3.63
N ALA B 168 18.10 -1.61 -2.90
CA ALA B 168 17.27 -2.79 -2.61
C ALA B 168 15.74 -2.59 -2.65
N SER B 169 15.23 -1.33 -2.63
CA SER B 169 13.77 -1.11 -2.65
C SER B 169 13.22 -1.34 -4.05
N SER B 170 12.47 -2.44 -4.21
CA SER B 170 11.95 -2.95 -5.48
C SER B 170 10.43 -2.78 -5.73
N SER B 171 9.70 -2.11 -4.82
CA SER B 171 8.26 -1.93 -4.98
C SER B 171 7.93 -1.14 -6.24
N ARG B 172 6.86 -1.54 -6.97
CA ARG B 172 6.39 -0.84 -8.16
C ARG B 172 5.91 0.56 -7.79
N LEU B 173 5.48 0.76 -6.53
CA LEU B 173 4.96 2.03 -6.05
C LEU B 173 6.00 3.15 -6.17
N LEU B 174 7.28 2.81 -6.08
CA LEU B 174 8.40 3.75 -6.19
C LEU B 174 8.69 4.20 -7.65
N SER B 175 8.02 3.59 -8.65
CA SER B 175 8.15 3.95 -10.06
C SER B 175 7.29 5.19 -10.37
N ASN B 176 6.37 5.57 -9.45
CA ASN B 176 5.47 6.72 -9.64
C ASN B 176 6.25 8.00 -9.44
N LYS B 177 6.59 8.66 -10.56
CA LYS B 177 7.40 9.87 -10.56
C LYS B 177 6.64 11.14 -10.17
N ASN B 178 5.30 11.10 -10.07
CA ASN B 178 4.52 12.23 -9.57
C ASN B 178 4.71 12.27 -8.05
N GLN B 179 4.76 11.07 -7.43
CA GLN B 179 4.96 10.91 -6.00
C GLN B 179 6.44 11.01 -5.63
N PHE B 180 7.28 10.20 -6.26
CA PHE B 180 8.69 10.12 -5.95
C PHE B 180 9.53 10.77 -7.00
N LYS B 181 9.57 12.13 -6.96
CA LYS B 181 10.28 13.03 -7.87
C LYS B 181 11.81 12.86 -7.96
N SER B 182 12.47 12.52 -6.84
CA SER B 182 13.92 12.38 -6.78
C SER B 182 14.39 10.94 -6.53
N PHE B 183 13.53 9.95 -6.79
CA PHE B 183 13.87 8.56 -6.50
C PHE B 183 14.32 7.80 -7.72
N LEU B 184 15.42 7.05 -7.55
CA LEU B 184 16.00 6.17 -8.57
C LEU B 184 16.50 4.93 -7.84
N ARG B 185 16.76 3.84 -8.57
CA ARG B 185 17.24 2.59 -7.94
C ARG B 185 18.12 1.72 -8.85
N THR B 186 19.06 0.98 -8.24
CA THR B 186 20.00 0.06 -8.90
C THR B 186 19.55 -1.41 -8.73
N ILE B 187 18.24 -1.60 -8.56
CA ILE B 187 17.56 -2.88 -8.42
C ILE B 187 16.30 -2.83 -9.30
N PRO B 188 15.94 -3.91 -10.04
CA PRO B 188 14.70 -3.83 -10.83
C PRO B 188 13.46 -3.81 -9.93
N ASN B 189 12.40 -3.26 -10.51
CA ASN B 189 11.04 -3.18 -10.03
C ASN B 189 10.51 -4.65 -10.02
N ASP B 190 9.71 -5.01 -9.01
CA ASP B 190 9.18 -6.37 -8.79
C ASP B 190 8.18 -6.91 -9.79
N GLU B 191 7.62 -6.08 -10.69
CA GLU B 191 6.59 -6.48 -11.66
C GLU B 191 6.89 -7.80 -12.40
N HIS B 192 8.09 -7.95 -13.01
CA HIS B 192 8.46 -9.17 -13.73
C HIS B 192 8.72 -10.33 -12.79
N GLN B 193 9.18 -10.04 -11.55
CA GLN B 193 9.45 -11.06 -10.56
C GLN B 193 8.15 -11.78 -10.20
N ALA B 194 7.04 -11.03 -10.03
CA ALA B 194 5.73 -11.58 -9.72
C ALA B 194 5.16 -12.35 -10.89
N THR B 195 5.46 -11.94 -12.13
CA THR B 195 5.03 -12.64 -13.35
C THR B 195 5.80 -13.96 -13.43
N ALA B 196 7.11 -13.93 -13.10
CA ALA B 196 8.00 -15.09 -13.09
C ALA B 196 7.48 -16.17 -12.15
N MET B 197 6.88 -15.76 -11.01
CA MET B 197 6.29 -16.67 -10.03
C MET B 197 5.18 -17.47 -10.73
N ALA B 198 4.25 -16.75 -11.39
CA ALA B 198 3.12 -17.31 -12.12
C ALA B 198 3.57 -18.18 -13.30
N ASP B 199 4.73 -17.85 -13.92
CA ASP B 199 5.31 -18.62 -15.03
C ASP B 199 5.83 -19.97 -14.53
N ILE B 200 6.49 -19.98 -13.35
CA ILE B 200 7.02 -21.18 -12.71
C ILE B 200 5.88 -22.13 -12.35
N ILE B 201 4.78 -21.59 -11.77
CA ILE B 201 3.59 -22.35 -11.40
C ILE B 201 2.94 -23.00 -12.63
N GLU B 202 2.82 -22.22 -13.72
CA GLU B 202 2.28 -22.64 -15.02
C GLU B 202 3.14 -23.77 -15.59
N TYR B 203 4.49 -23.65 -15.46
CA TYR B 203 5.47 -24.61 -15.93
C TYR B 203 5.27 -25.99 -15.30
N PHE B 204 5.23 -26.06 -13.96
CA PHE B 204 5.08 -27.34 -13.24
C PHE B 204 3.63 -27.83 -13.18
N ARG B 205 2.71 -27.10 -13.84
CA ARG B 205 1.29 -27.41 -13.95
C ARG B 205 0.59 -27.59 -12.62
N TRP B 206 0.61 -26.53 -11.78
CA TRP B 206 -0.08 -26.47 -10.51
C TRP B 206 -1.20 -25.45 -10.65
N ASN B 207 -2.37 -25.71 -10.08
CA ASN B 207 -3.47 -24.75 -10.17
C ASN B 207 -4.00 -24.30 -8.81
N TRP B 208 -3.45 -24.86 -7.73
CA TRP B 208 -3.90 -24.58 -6.36
C TRP B 208 -2.75 -24.08 -5.51
N VAL B 209 -2.72 -22.77 -5.27
CA VAL B 209 -1.67 -22.12 -4.49
C VAL B 209 -2.25 -21.28 -3.35
N GLY B 210 -1.33 -20.83 -2.50
CA GLY B 210 -1.60 -19.93 -1.39
C GLY B 210 -0.63 -18.77 -1.49
N THR B 211 -1.00 -17.62 -0.92
CA THR B 211 -0.15 -16.44 -0.96
C THR B 211 0.05 -15.85 0.42
N ILE B 212 1.27 -15.43 0.71
CA ILE B 212 1.66 -14.77 1.95
C ILE B 212 2.44 -13.54 1.56
N ALA B 213 2.11 -12.41 2.16
CA ALA B 213 2.78 -11.15 1.86
C ALA B 213 3.09 -10.39 3.14
N ALA B 214 4.23 -9.69 3.16
CA ALA B 214 4.58 -8.80 4.26
C ALA B 214 3.59 -7.65 4.12
N ASP B 215 2.95 -7.23 5.22
CA ASP B 215 1.93 -6.16 5.19
C ASP B 215 2.56 -4.77 5.02
N ASP B 216 3.42 -4.63 4.01
CA ASP B 216 4.14 -3.41 3.70
C ASP B 216 4.08 -3.10 2.20
N ASP B 217 4.65 -1.95 1.79
CA ASP B 217 4.69 -1.48 0.40
C ASP B 217 5.52 -2.38 -0.52
N TYR B 218 6.11 -3.48 0.02
CA TYR B 218 6.86 -4.46 -0.77
C TYR B 218 6.00 -5.70 -1.05
N GLY B 219 5.57 -6.39 0.02
CA GLY B 219 4.79 -7.61 -0.08
C GLY B 219 3.45 -7.46 -0.75
N ARG B 220 2.69 -6.42 -0.36
CA ARG B 220 1.37 -6.13 -0.90
C ARG B 220 1.36 -5.92 -2.43
N PRO B 221 2.10 -4.96 -3.06
CA PRO B 221 2.07 -4.84 -4.53
C PRO B 221 2.62 -6.04 -5.30
N GLY B 222 3.54 -6.79 -4.68
CA GLY B 222 4.14 -7.98 -5.28
C GLY B 222 3.16 -9.11 -5.43
N ILE B 223 2.40 -9.39 -4.37
CA ILE B 223 1.37 -10.42 -4.37
C ILE B 223 0.19 -9.99 -5.23
N GLU B 224 -0.10 -8.68 -5.26
CA GLU B 224 -1.20 -8.17 -6.10
C GLU B 224 -0.91 -8.40 -7.57
N LYS B 225 0.33 -8.12 -8.01
CA LYS B 225 0.77 -8.37 -9.39
C LYS B 225 0.76 -9.88 -9.68
N PHE B 226 1.18 -10.69 -8.69
CA PHE B 226 1.19 -12.14 -8.83
C PHE B 226 -0.24 -12.63 -9.01
N ARG B 227 -1.17 -12.11 -8.20
CA ARG B 227 -2.60 -12.45 -8.22
C ARG B 227 -3.16 -12.24 -9.64
N GLU B 228 -2.82 -11.11 -10.31
CA GLU B 228 -3.27 -10.79 -11.67
C GLU B 228 -2.72 -11.80 -12.64
N GLU B 229 -1.41 -12.07 -12.56
CA GLU B 229 -0.73 -12.99 -13.47
C GLU B 229 -1.17 -14.45 -13.32
N ALA B 230 -1.44 -14.89 -12.08
CA ALA B 230 -1.88 -16.26 -11.79
C ALA B 230 -3.26 -16.49 -12.39
N GLU B 231 -4.15 -15.49 -12.27
CA GLU B 231 -5.51 -15.55 -12.79
C GLU B 231 -5.55 -15.54 -14.32
N GLU B 232 -4.54 -14.95 -14.97
CA GLU B 232 -4.38 -14.90 -16.43
C GLU B 232 -3.94 -16.29 -16.94
N ARG B 233 -3.25 -17.08 -16.08
CA ARG B 233 -2.76 -18.43 -16.34
C ARG B 233 -3.65 -19.51 -15.70
N ASP B 234 -4.88 -19.12 -15.32
CA ASP B 234 -5.90 -19.98 -14.72
C ASP B 234 -5.40 -20.79 -13.50
N ILE B 235 -4.72 -20.09 -12.57
CA ILE B 235 -4.22 -20.62 -11.29
C ILE B 235 -5.15 -20.05 -10.22
N CYS B 236 -5.67 -20.91 -9.35
CA CYS B 236 -6.57 -20.48 -8.28
C CYS B 236 -5.78 -20.30 -7.00
N ILE B 237 -6.06 -19.19 -6.30
CA ILE B 237 -5.42 -18.89 -5.02
C ILE B 237 -6.43 -19.24 -3.92
N ASP B 238 -6.08 -20.25 -3.08
CA ASP B 238 -6.93 -20.70 -1.99
C ASP B 238 -6.96 -19.71 -0.82
N PHE B 239 -5.79 -19.17 -0.46
CA PHE B 239 -5.67 -18.25 0.65
C PHE B 239 -4.67 -17.14 0.34
N SER B 240 -4.92 -15.96 0.94
CA SER B 240 -4.09 -14.77 0.80
C SER B 240 -3.95 -14.13 2.19
N GLU B 241 -2.84 -14.44 2.85
CA GLU B 241 -2.55 -13.98 4.20
C GLU B 241 -1.45 -12.95 4.26
N LEU B 242 -1.48 -12.12 5.33
CA LEU B 242 -0.51 -11.06 5.60
C LEU B 242 0.28 -11.36 6.85
N ILE B 243 1.54 -10.96 6.89
CA ILE B 243 2.46 -11.17 7.99
C ILE B 243 3.32 -9.93 8.20
N SER B 244 4.04 -9.89 9.33
CA SER B 244 4.94 -8.81 9.71
C SER B 244 5.89 -9.34 10.79
N GLN B 245 7.06 -8.69 10.95
CA GLN B 245 7.99 -9.08 12.01
C GLN B 245 7.41 -8.81 13.41
N TYR B 246 6.43 -7.89 13.51
CA TYR B 246 5.79 -7.53 14.77
C TYR B 246 4.39 -8.16 14.92
N SER B 247 4.19 -9.34 14.32
CA SER B 247 2.92 -10.06 14.39
C SER B 247 2.80 -10.80 15.72
N ASP B 248 1.57 -10.80 16.30
CA ASP B 248 1.18 -11.49 17.54
C ASP B 248 1.40 -12.97 17.44
N GLU B 249 1.36 -13.64 18.60
CA GLU B 249 1.38 -15.10 18.69
C GLU B 249 0.05 -15.57 18.08
N GLU B 250 -1.05 -14.81 18.34
CA GLU B 250 -2.39 -15.08 17.80
C GLU B 250 -2.42 -14.86 16.31
N GLU B 251 -1.80 -13.75 15.81
CA GLU B 251 -1.73 -13.41 14.38
C GLU B 251 -1.01 -14.49 13.58
N ILE B 252 0.14 -14.98 14.11
CA ILE B 252 0.92 -16.05 13.47
C ILE B 252 0.12 -17.37 13.47
N GLN B 253 -0.47 -17.72 14.63
CA GLN B 253 -1.27 -18.93 14.81
C GLN B 253 -2.40 -19.06 13.77
N HIS B 254 -3.07 -17.94 13.45
CA HIS B 254 -4.14 -17.89 12.45
C HIS B 254 -3.61 -18.25 11.05
N VAL B 255 -2.44 -17.71 10.68
CA VAL B 255 -1.80 -17.96 9.39
C VAL B 255 -1.39 -19.45 9.29
N VAL B 256 -0.77 -20.01 10.36
CA VAL B 256 -0.35 -21.42 10.37
C VAL B 256 -1.58 -22.35 10.23
N GLU B 257 -2.71 -21.98 10.86
CA GLU B 257 -3.98 -22.72 10.79
C GLU B 257 -4.53 -22.73 9.36
N VAL B 258 -4.50 -21.56 8.69
CA VAL B 258 -4.92 -21.36 7.30
C VAL B 258 -4.11 -22.26 6.35
N ILE B 259 -2.78 -22.32 6.57
CA ILE B 259 -1.85 -23.15 5.80
C ILE B 259 -2.18 -24.64 5.96
N GLN B 260 -2.38 -25.08 7.23
CA GLN B 260 -2.71 -26.46 7.60
C GLN B 260 -4.07 -26.90 7.04
N ASN B 261 -5.10 -26.04 7.17
CA ASN B 261 -6.46 -26.31 6.69
C ASN B 261 -6.61 -26.20 5.15
N SER B 262 -5.49 -25.98 4.41
CA SER B 262 -5.50 -25.84 2.94
C SER B 262 -4.85 -27.02 2.24
N THR B 263 -5.48 -27.45 1.13
CA THR B 263 -4.98 -28.55 0.30
C THR B 263 -3.87 -28.09 -0.67
N ALA B 264 -3.60 -26.77 -0.70
CA ALA B 264 -2.56 -26.17 -1.54
C ALA B 264 -1.17 -26.41 -0.94
N LYS B 265 -0.27 -26.99 -1.74
CA LYS B 265 1.11 -27.27 -1.32
C LYS B 265 2.08 -26.16 -1.74
N VAL B 266 1.74 -25.41 -2.80
CA VAL B 266 2.57 -24.32 -3.31
C VAL B 266 2.22 -23.03 -2.59
N ILE B 267 3.20 -22.43 -1.90
CA ILE B 267 2.99 -21.19 -1.16
C ILE B 267 3.93 -20.10 -1.68
N VAL B 268 3.33 -19.07 -2.29
CA VAL B 268 4.01 -17.90 -2.84
C VAL B 268 4.18 -16.90 -1.69
N VAL B 269 5.44 -16.54 -1.39
CA VAL B 269 5.78 -15.63 -0.30
C VAL B 269 6.56 -14.42 -0.82
N PHE B 270 5.94 -13.21 -0.70
CA PHE B 270 6.52 -11.92 -1.07
C PHE B 270 6.75 -11.18 0.26
N SER B 271 7.95 -11.37 0.82
CA SER B 271 8.33 -10.82 2.11
C SER B 271 9.84 -10.76 2.26
N SER B 272 10.32 -9.99 3.25
CA SER B 272 11.73 -9.93 3.63
C SER B 272 11.92 -11.02 4.70
N GLY B 273 13.19 -11.33 5.01
CA GLY B 273 13.55 -12.28 6.05
C GLY B 273 12.98 -11.90 7.41
N PRO B 274 13.21 -10.66 7.90
CA PRO B 274 12.65 -10.28 9.21
C PRO B 274 11.14 -10.39 9.33
N ASP B 275 10.39 -10.04 8.26
CA ASP B 275 8.93 -10.09 8.26
C ASP B 275 8.40 -11.53 8.18
N LEU B 276 9.22 -12.47 7.68
CA LEU B 276 8.83 -13.87 7.54
C LEU B 276 9.29 -14.77 8.68
N GLU B 277 10.44 -14.45 9.32
CA GLU B 277 11.01 -15.24 10.42
C GLU B 277 9.99 -15.63 11.50
N PRO B 278 9.13 -14.74 12.07
CA PRO B 278 8.17 -15.21 13.08
C PRO B 278 7.28 -16.35 12.62
N LEU B 279 6.79 -16.28 11.35
CA LEU B 279 5.93 -17.31 10.77
C LEU B 279 6.64 -18.64 10.56
N ILE B 280 7.89 -18.58 10.01
CA ILE B 280 8.69 -19.79 9.73
C ILE B 280 9.03 -20.53 11.03
N LYS B 281 9.42 -19.80 12.09
CA LYS B 281 9.76 -20.34 13.42
C LYS B 281 8.63 -21.25 13.94
N GLU B 282 7.38 -20.78 13.84
CA GLU B 282 6.18 -21.52 14.25
C GLU B 282 5.92 -22.75 13.38
N ILE B 283 6.08 -22.63 12.04
CA ILE B 283 5.86 -23.74 11.10
C ILE B 283 6.89 -24.86 11.35
N VAL B 284 8.13 -24.47 11.70
CA VAL B 284 9.23 -25.37 12.05
C VAL B 284 8.88 -26.09 13.36
N ARG B 285 8.35 -25.33 14.34
CA ARG B 285 7.91 -25.80 15.65
C ARG B 285 6.83 -26.88 15.54
N ARG B 286 5.93 -26.74 14.54
CA ARG B 286 4.83 -27.68 14.31
C ARG B 286 5.15 -28.75 13.27
N ASN B 287 6.39 -28.73 12.72
CA ASN B 287 6.88 -29.65 11.70
C ASN B 287 5.85 -29.91 10.59
N ILE B 288 5.51 -28.84 9.84
CA ILE B 288 4.60 -28.88 8.67
C ILE B 288 5.56 -28.99 7.49
N THR B 289 5.67 -30.20 6.89
CA THR B 289 6.68 -30.53 5.86
C THR B 289 6.23 -30.64 4.38
N GLY B 290 4.92 -30.74 4.12
CA GLY B 290 4.40 -30.91 2.77
C GLY B 290 4.75 -29.84 1.75
N LYS B 291 4.65 -28.59 2.19
CA LYS B 291 4.77 -27.32 1.50
C LYS B 291 6.01 -27.15 0.65
N ILE B 292 5.81 -26.47 -0.50
CA ILE B 292 6.84 -26.11 -1.47
C ILE B 292 6.78 -24.59 -1.66
N TRP B 293 7.80 -23.90 -1.11
CA TRP B 293 7.88 -22.44 -1.03
C TRP B 293 8.45 -21.74 -2.24
N LEU B 294 7.75 -20.69 -2.68
CA LEU B 294 8.19 -19.85 -3.79
C LEU B 294 8.61 -18.54 -3.18
N ALA B 295 9.93 -18.35 -3.13
CA ALA B 295 10.60 -17.24 -2.47
C ALA B 295 10.82 -16.01 -3.30
N SER B 296 10.42 -14.89 -2.74
CA SER B 296 10.63 -13.54 -3.22
C SER B 296 12.13 -13.32 -3.10
N GLU B 297 12.72 -12.44 -3.93
CA GLU B 297 14.14 -12.12 -3.90
C GLU B 297 14.63 -11.67 -2.51
N ALA B 298 13.80 -10.96 -1.74
CA ALA B 298 14.19 -10.49 -0.41
C ALA B 298 14.50 -11.59 0.59
N TRP B 299 13.78 -12.72 0.56
CA TRP B 299 14.04 -13.78 1.53
C TRP B 299 14.67 -15.05 0.94
N ALA B 300 14.78 -15.12 -0.42
CA ALA B 300 15.37 -16.26 -1.13
C ALA B 300 16.83 -16.52 -0.74
N SER B 301 17.50 -15.50 -0.17
CA SER B 301 18.90 -15.59 0.26
C SER B 301 19.09 -15.05 1.68
N SER B 302 18.01 -15.06 2.49
CA SER B 302 18.02 -14.55 3.86
C SER B 302 18.58 -15.54 4.84
N SER B 303 19.59 -15.08 5.61
CA SER B 303 20.27 -15.82 6.67
C SER B 303 19.28 -16.25 7.78
N LEU B 304 18.22 -15.44 8.00
CA LEU B 304 17.17 -15.66 9.00
C LEU B 304 16.26 -16.83 8.67
N ILE B 305 16.12 -17.17 7.38
CA ILE B 305 15.26 -18.26 6.90
C ILE B 305 16.08 -19.46 6.45
N ALA B 306 17.25 -19.22 5.83
CA ALA B 306 18.13 -20.28 5.35
C ALA B 306 19.00 -20.85 6.51
N MET B 307 18.31 -21.37 7.54
CA MET B 307 18.88 -22.00 8.73
C MET B 307 18.72 -23.52 8.57
N PRO B 308 19.74 -24.34 8.90
CA PRO B 308 19.60 -25.78 8.74
C PRO B 308 18.54 -26.48 9.62
N GLN B 309 18.12 -25.90 10.77
CA GLN B 309 17.08 -26.46 11.65
C GLN B 309 15.67 -26.25 11.07
N TYR B 310 15.59 -25.43 10.03
CA TYR B 310 14.32 -25.15 9.35
C TYR B 310 14.16 -26.01 8.09
N PHE B 311 15.23 -26.74 7.64
CA PHE B 311 15.23 -27.53 6.40
C PHE B 311 14.04 -28.48 6.20
N HIS B 312 13.49 -29.07 7.27
CA HIS B 312 12.33 -29.96 7.18
C HIS B 312 11.12 -29.24 6.58
N VAL B 313 11.05 -27.93 6.83
CA VAL B 313 9.99 -27.01 6.42
C VAL B 313 10.40 -26.21 5.16
N VAL B 314 11.58 -25.57 5.16
CA VAL B 314 12.04 -24.69 4.07
C VAL B 314 12.92 -25.37 3.00
N GLY B 315 13.09 -26.69 3.09
CA GLY B 315 13.88 -27.42 2.10
C GLY B 315 13.22 -27.41 0.74
N GLY B 316 14.02 -27.34 -0.32
CA GLY B 316 13.52 -27.33 -1.69
C GLY B 316 12.76 -26.08 -2.09
N THR B 317 13.10 -24.93 -1.47
CA THR B 317 12.49 -23.63 -1.74
C THR B 317 13.03 -23.15 -3.08
N ILE B 318 12.14 -22.67 -3.96
CA ILE B 318 12.50 -22.11 -5.27
C ILE B 318 12.41 -20.60 -5.13
N GLY B 319 13.53 -19.91 -5.33
CA GLY B 319 13.58 -18.47 -5.18
C GLY B 319 14.28 -17.71 -6.28
N PHE B 320 14.41 -16.39 -6.09
CA PHE B 320 15.01 -15.47 -7.06
C PHE B 320 16.23 -14.78 -6.50
N ALA B 321 17.25 -14.61 -7.34
CA ALA B 321 18.48 -13.92 -7.01
C ALA B 321 18.75 -12.99 -8.16
N LEU B 322 19.35 -11.83 -7.88
CA LEU B 322 19.67 -10.86 -8.92
C LEU B 322 20.98 -11.25 -9.56
N LYS B 323 21.37 -10.48 -10.58
CA LYS B 323 22.64 -10.65 -11.28
C LYS B 323 23.77 -10.37 -10.29
N ALA B 324 24.70 -11.32 -10.19
CA ALA B 324 25.84 -11.12 -9.30
C ALA B 324 26.86 -10.18 -9.94
N GLY B 325 27.84 -9.81 -9.13
CA GLY B 325 28.91 -8.91 -9.51
C GLY B 325 30.10 -9.11 -8.60
N GLN B 326 31.28 -8.85 -9.14
CA GLN B 326 32.51 -8.94 -8.36
C GLN B 326 33.10 -7.54 -8.27
N ILE B 327 33.58 -7.24 -7.09
CA ILE B 327 34.16 -5.97 -6.69
C ILE B 327 35.61 -6.30 -6.26
N PRO B 328 36.59 -6.15 -7.20
CA PRO B 328 38.00 -6.47 -6.83
C PRO B 328 38.55 -5.68 -5.65
N GLY B 329 39.12 -6.41 -4.70
CA GLY B 329 39.74 -5.83 -3.49
C GLY B 329 38.80 -5.61 -2.32
N PHE B 330 37.48 -5.82 -2.54
CA PHE B 330 36.45 -5.64 -1.53
C PHE B 330 36.60 -6.62 -0.36
N ARG B 331 36.85 -7.94 -0.63
CA ARG B 331 37.02 -8.95 0.43
C ARG B 331 38.23 -8.71 1.34
N GLU B 332 39.28 -8.05 0.81
CA GLU B 332 40.46 -7.72 1.61
C GLU B 332 40.18 -6.45 2.42
N PHE B 333 39.34 -5.52 1.87
CA PHE B 333 38.90 -4.29 2.55
C PHE B 333 38.07 -4.63 3.78
N LEU B 334 37.19 -5.65 3.65
CA LEU B 334 36.32 -6.13 4.72
C LEU B 334 37.13 -6.56 5.93
N LYS B 335 38.25 -7.24 5.68
CA LYS B 335 39.15 -7.72 6.73
C LYS B 335 39.94 -6.63 7.47
N LYS B 336 40.12 -5.46 6.83
CA LYS B 336 40.86 -4.33 7.40
C LYS B 336 40.15 -3.57 8.55
N VAL B 337 38.94 -4.00 8.96
CA VAL B 337 38.13 -3.37 10.00
C VAL B 337 38.66 -3.62 11.42
N HIS B 338 38.85 -2.53 12.16
CA HIS B 338 39.31 -2.49 13.55
C HIS B 338 38.50 -1.40 14.30
N PRO B 339 38.17 -1.52 15.61
CA PRO B 339 37.40 -0.45 16.28
C PRO B 339 38.22 0.80 16.57
N ARG B 340 39.52 0.61 16.81
CA ARG B 340 40.45 1.72 17.08
C ARG B 340 40.91 2.37 15.77
N LYS B 341 41.26 1.54 14.76
CA LYS B 341 41.74 1.99 13.44
C LYS B 341 40.67 2.68 12.59
N SER B 342 39.47 2.08 12.47
CA SER B 342 38.36 2.65 11.68
C SER B 342 37.69 3.77 12.49
N VAL B 343 38.27 4.98 12.39
CA VAL B 343 37.86 6.18 13.11
C VAL B 343 36.56 6.78 12.54
N HIS B 344 36.43 6.78 11.20
CA HIS B 344 35.27 7.27 10.42
C HIS B 344 34.01 6.41 10.58
N ASN B 345 34.17 5.08 10.70
CA ASN B 345 33.06 4.14 10.88
C ASN B 345 32.77 3.87 12.37
N GLY B 346 31.68 4.47 12.87
CA GLY B 346 31.22 4.33 14.25
C GLY B 346 30.43 3.07 14.52
N PHE B 347 30.26 2.19 13.48
CA PHE B 347 29.56 0.91 13.59
C PHE B 347 30.56 -0.23 13.75
N ALA B 348 31.88 0.07 13.59
CA ALA B 348 32.99 -0.90 13.72
C ALA B 348 33.09 -1.45 15.14
N LYS B 349 32.92 -0.56 16.15
CA LYS B 349 32.97 -0.93 17.56
C LYS B 349 31.93 -2.00 17.81
N GLU B 350 30.66 -1.73 17.47
CA GLU B 350 29.55 -2.65 17.63
C GLU B 350 29.69 -3.92 16.78
N PHE B 351 30.29 -3.80 15.57
CA PHE B 351 30.54 -4.93 14.69
C PHE B 351 31.47 -5.90 15.41
N TRP B 352 32.60 -5.36 15.90
CA TRP B 352 33.63 -6.05 16.66
C TRP B 352 33.06 -6.80 17.85
N GLU B 353 32.28 -6.10 18.68
CA GLU B 353 31.62 -6.63 19.87
C GLU B 353 30.69 -7.80 19.57
N GLU B 354 29.87 -7.72 18.51
CA GLU B 354 28.90 -8.76 18.12
C GLU B 354 29.55 -9.98 17.46
N THR B 355 30.75 -9.82 16.87
CA THR B 355 31.47 -10.91 16.20
C THR B 355 32.19 -11.80 17.24
N PHE B 356 33.07 -11.20 18.05
CA PHE B 356 33.87 -11.92 19.03
C PHE B 356 33.20 -12.04 20.42
N ASN B 357 31.86 -11.74 20.54
CA ASN B 357 31.06 -11.80 21.78
C ASN B 357 31.79 -11.13 22.95
N CYS B 358 32.23 -9.89 22.73
CA CYS B 358 32.96 -9.17 23.77
C CYS B 358 32.46 -7.73 23.97
N HIS B 359 33.21 -6.92 24.74
CA HIS B 359 32.88 -5.53 25.08
C HIS B 359 34.12 -4.63 24.95
N LEU B 360 33.95 -3.33 24.67
CA LEU B 360 35.05 -2.39 24.49
C LEU B 360 35.06 -1.24 25.49
N ARG B 392 30.10 -11.84 27.66
CA ARG B 392 30.41 -10.68 28.51
C ARG B 392 31.93 -10.29 28.61
N PRO B 393 32.95 -11.15 28.28
CA PRO B 393 34.36 -10.72 28.44
C PRO B 393 34.80 -9.53 27.59
N LEU B 394 36.02 -9.01 27.79
CA LEU B 394 36.48 -7.83 27.05
C LEU B 394 37.22 -8.15 25.76
N CYS B 395 37.12 -7.22 24.77
CA CYS B 395 37.80 -7.33 23.48
C CYS B 395 39.24 -6.88 23.67
N THR B 396 40.17 -7.49 22.91
CA THR B 396 41.58 -7.10 22.84
C THR B 396 41.77 -6.56 21.42
N GLY B 397 42.58 -5.50 21.29
CA GLY B 397 42.90 -4.92 19.99
C GLY B 397 43.82 -5.83 19.18
N ASP B 398 43.98 -7.08 19.66
CA ASP B 398 44.81 -8.15 19.12
C ASP B 398 43.95 -9.33 18.60
N GLU B 399 42.62 -9.12 18.44
CA GLU B 399 41.71 -10.16 17.95
C GLU B 399 41.72 -10.30 16.44
N ASN B 400 41.61 -11.56 15.95
CA ASN B 400 41.64 -11.89 14.54
C ASN B 400 40.23 -12.09 13.98
N ILE B 401 39.96 -11.47 12.81
CA ILE B 401 38.66 -11.51 12.11
C ILE B 401 38.38 -12.89 11.48
N ASN B 402 39.41 -13.54 10.87
CA ASN B 402 39.30 -14.81 10.15
C ASN B 402 38.71 -15.94 10.97
N SER B 403 38.97 -15.92 12.30
CA SER B 403 38.53 -16.91 13.27
C SER B 403 37.02 -17.04 13.41
N VAL B 404 36.29 -15.91 13.54
CA VAL B 404 34.82 -15.93 13.69
C VAL B 404 34.12 -15.93 12.30
N GLU B 405 33.17 -16.85 12.14
CA GLU B 405 32.43 -17.07 10.90
C GLU B 405 31.02 -16.44 10.96
N THR B 406 30.87 -15.20 10.42
CA THR B 406 29.61 -14.41 10.37
C THR B 406 29.22 -14.14 8.88
N PRO B 407 27.97 -13.74 8.51
CA PRO B 407 27.67 -13.43 7.09
C PRO B 407 28.45 -12.28 6.45
N TYR B 408 29.26 -11.58 7.24
CA TYR B 408 30.13 -10.48 6.84
C TYR B 408 31.14 -10.94 5.77
N ILE B 409 31.76 -12.12 5.97
CA ILE B 409 32.72 -12.73 5.07
C ILE B 409 32.13 -14.02 4.42
N ASP B 410 31.21 -14.72 5.14
CA ASP B 410 30.55 -15.96 4.68
C ASP B 410 29.50 -15.75 3.56
N TYR B 411 29.91 -15.14 2.44
CA TYR B 411 29.05 -14.88 1.26
C TYR B 411 29.65 -15.56 0.03
N THR B 412 28.80 -15.85 -0.96
CA THR B 412 29.21 -16.51 -2.20
C THR B 412 29.20 -15.53 -3.37
N HIS B 413 28.17 -14.67 -3.45
CA HIS B 413 28.00 -13.68 -4.52
C HIS B 413 27.61 -12.34 -3.95
N LEU B 414 28.14 -11.26 -4.55
CA LEU B 414 27.83 -9.89 -4.18
C LEU B 414 26.73 -9.44 -5.12
N ARG B 415 25.50 -9.30 -4.60
CA ARG B 415 24.32 -8.91 -5.39
C ARG B 415 23.80 -7.53 -4.93
N ILE B 416 23.24 -7.42 -3.70
CA ILE B 416 22.78 -6.17 -3.10
C ILE B 416 24.01 -5.31 -2.81
N SER B 417 25.12 -5.96 -2.34
CA SER B 417 26.41 -5.29 -2.06
C SER B 417 26.88 -4.62 -3.32
N TYR B 418 26.70 -5.31 -4.46
CA TYR B 418 27.06 -4.79 -5.77
C TYR B 418 26.17 -3.60 -6.16
N ASN B 419 24.86 -3.66 -5.82
CA ASN B 419 23.88 -2.58 -6.07
C ASN B 419 24.24 -1.33 -5.28
N VAL B 420 24.85 -1.49 -4.06
CA VAL B 420 25.33 -0.38 -3.21
C VAL B 420 26.49 0.28 -3.92
N TYR B 421 27.47 -0.56 -4.37
CA TYR B 421 28.67 -0.17 -5.13
C TYR B 421 28.23 0.60 -6.39
N LEU B 422 27.25 0.04 -7.12
CA LEU B 422 26.66 0.61 -8.32
C LEU B 422 25.92 1.91 -8.08
N ALA B 423 25.21 2.04 -6.91
CA ALA B 423 24.46 3.24 -6.51
C ALA B 423 25.39 4.41 -6.28
N VAL B 424 26.53 4.17 -5.59
CA VAL B 424 27.56 5.19 -5.31
C VAL B 424 28.19 5.63 -6.63
N TYR B 425 28.49 4.67 -7.53
CA TYR B 425 29.07 4.98 -8.83
C TYR B 425 28.14 5.75 -9.76
N SER B 426 26.81 5.55 -9.61
CA SER B 426 25.80 6.27 -10.38
C SER B 426 25.85 7.75 -10.03
N ILE B 427 25.98 8.05 -8.71
CA ILE B 427 26.09 9.42 -8.19
C ILE B 427 27.45 10.01 -8.63
N ALA B 428 28.54 9.21 -8.51
CA ALA B 428 29.91 9.61 -8.92
C ALA B 428 29.96 9.97 -10.38
N HIS B 429 29.40 9.11 -11.27
CA HIS B 429 29.34 9.37 -12.71
C HIS B 429 28.45 10.56 -13.06
N ALA B 430 27.40 10.83 -12.27
CA ALA B 430 26.49 11.97 -12.48
C ALA B 430 27.21 13.26 -12.14
N LEU B 431 28.06 13.24 -11.10
CA LEU B 431 28.88 14.38 -10.66
C LEU B 431 30.05 14.55 -11.63
N GLN B 432 30.58 13.42 -12.20
CA GLN B 432 31.68 13.48 -13.17
C GLN B 432 31.21 14.23 -14.43
N ASP B 433 29.98 13.94 -14.89
CA ASP B 433 29.35 14.60 -16.04
C ASP B 433 29.07 16.09 -15.78
N ILE B 434 29.26 16.55 -14.51
CA ILE B 434 29.08 17.95 -14.09
C ILE B 434 30.33 18.78 -14.48
N TYR B 435 31.55 18.25 -14.21
CA TYR B 435 32.80 18.95 -14.58
C TYR B 435 32.95 19.06 -16.10
N THR B 436 32.85 17.90 -16.82
CA THR B 436 32.98 17.73 -18.28
C THR B 436 32.09 18.67 -19.11
N CYS B 437 31.15 19.36 -18.45
CA CYS B 437 30.22 20.29 -19.06
C CYS B 437 30.89 21.60 -19.42
N LEU B 438 30.65 22.11 -20.64
CA LEU B 438 31.08 23.43 -21.09
C LEU B 438 29.87 24.11 -21.78
N PRO B 439 29.60 25.44 -21.58
CA PRO B 439 28.42 26.07 -22.21
C PRO B 439 28.12 25.60 -23.65
N GLY B 440 26.98 24.93 -23.80
CA GLY B 440 26.52 24.32 -25.04
C GLY B 440 26.23 22.86 -24.83
N ARG B 441 27.13 22.19 -24.10
CA ARG B 441 27.08 20.78 -23.67
C ARG B 441 26.03 20.62 -22.53
N GLY B 442 25.56 21.75 -22.01
CA GLY B 442 24.61 21.84 -20.90
C GLY B 442 23.14 21.61 -21.18
N LEU B 443 22.41 21.30 -20.10
CA LEU B 443 21.00 20.95 -20.01
C LEU B 443 20.14 22.04 -19.35
N PHE B 444 20.77 23.05 -18.78
CA PHE B 444 20.10 24.07 -17.99
C PHE B 444 19.93 25.40 -18.67
N THR B 445 19.12 26.32 -18.09
CA THR B 445 18.95 27.71 -18.53
C THR B 445 18.96 27.75 -20.10
N ASN B 446 19.95 28.45 -20.68
CA ASN B 446 20.20 28.56 -22.13
C ASN B 446 21.42 27.66 -22.37
N GLY B 447 21.21 26.35 -22.31
CA GLY B 447 22.25 25.34 -22.47
C GLY B 447 23.31 25.35 -21.39
N SER B 448 23.05 26.09 -20.27
CA SER B 448 23.90 26.27 -19.08
C SER B 448 24.33 24.96 -18.43
N CYS B 449 25.45 25.04 -17.69
CA CYS B 449 26.04 23.92 -16.94
C CYS B 449 26.05 24.21 -15.47
N ALA B 450 26.36 23.18 -14.66
CA ALA B 450 26.42 23.25 -13.21
C ALA B 450 27.83 23.51 -12.65
N ASP B 451 27.97 24.56 -11.80
CA ASP B 451 29.20 24.94 -11.09
C ASP B 451 29.40 23.86 -10.05
N ILE B 452 30.37 22.96 -10.30
CA ILE B 452 30.74 21.81 -9.46
C ILE B 452 31.21 22.25 -8.05
N LYS B 453 31.61 23.53 -7.91
CA LYS B 453 32.06 24.11 -6.63
C LYS B 453 30.87 24.59 -5.78
N LYS B 454 29.76 24.95 -6.44
CA LYS B 454 28.51 25.42 -5.81
C LYS B 454 27.33 24.51 -6.22
N VAL B 455 27.61 23.18 -6.33
CA VAL B 455 26.65 22.16 -6.77
C VAL B 455 25.50 21.99 -5.75
N GLU B 456 24.27 22.00 -6.29
CA GLU B 456 23.03 21.80 -5.57
C GLU B 456 22.48 20.41 -5.94
N ALA B 457 21.76 19.78 -5.01
CA ALA B 457 21.20 18.45 -5.16
C ALA B 457 20.31 18.27 -6.41
N TRP B 458 19.50 19.28 -6.77
CA TRP B 458 18.61 19.21 -7.92
C TRP B 458 19.36 19.09 -9.25
N GLN B 459 20.60 19.66 -9.30
CA GLN B 459 21.48 19.60 -10.48
C GLN B 459 21.97 18.17 -10.67
N VAL B 460 22.29 17.48 -9.57
CA VAL B 460 22.73 16.07 -9.55
C VAL B 460 21.54 15.20 -10.00
N LEU B 461 20.30 15.59 -9.65
CA LEU B 461 19.07 14.88 -10.01
C LEU B 461 18.81 14.94 -11.54
N LYS B 462 18.86 16.12 -12.21
CA LYS B 462 18.66 16.19 -13.69
C LYS B 462 19.72 15.36 -14.42
N HIS B 463 20.96 15.32 -13.89
CA HIS B 463 22.02 14.50 -14.47
C HIS B 463 21.77 13.02 -14.27
N LEU B 464 21.26 12.62 -13.08
CA LEU B 464 20.94 11.23 -12.77
C LEU B 464 19.76 10.71 -13.58
N ARG B 465 18.79 11.58 -13.92
CA ARG B 465 17.62 11.22 -14.75
C ARG B 465 18.07 10.80 -16.16
N HIS B 466 18.97 11.63 -16.79
CA HIS B 466 19.58 11.51 -18.14
C HIS B 466 20.95 10.77 -18.10
N LEU B 467 21.16 9.91 -17.08
CA LEU B 467 22.43 9.24 -16.87
C LEU B 467 22.58 7.98 -17.70
N GLN B 468 23.76 7.87 -18.33
CA GLN B 468 24.20 6.74 -19.14
C GLN B 468 25.68 6.58 -18.81
N PHE B 469 26.08 5.44 -18.25
CA PHE B 469 27.49 5.20 -17.91
C PHE B 469 27.86 3.73 -18.06
N THR B 470 29.16 3.44 -18.18
CA THR B 470 29.65 2.07 -18.33
C THR B 470 30.15 1.55 -16.99
N ASN B 471 29.57 0.42 -16.62
CA ASN B 471 29.75 -0.41 -15.45
C ASN B 471 31.18 -0.93 -15.29
N ASN B 472 31.44 -1.46 -14.07
CA ASN B 472 32.62 -2.15 -13.52
C ASN B 472 32.85 -3.48 -14.29
N MET B 473 31.79 -4.06 -14.87
CA MET B 473 31.82 -5.29 -15.67
C MET B 473 31.66 -4.94 -17.18
N GLY B 474 31.86 -3.66 -17.54
CA GLY B 474 31.78 -3.17 -18.91
C GLY B 474 30.38 -3.16 -19.51
N GLU B 475 29.34 -3.11 -18.66
CA GLU B 475 27.93 -3.11 -19.07
C GLU B 475 27.34 -1.69 -19.05
N GLN B 476 26.34 -1.46 -19.90
CA GLN B 476 25.71 -0.14 -19.93
C GLN B 476 24.68 0.00 -18.80
N VAL B 477 24.83 1.06 -17.98
CA VAL B 477 23.96 1.37 -16.85
C VAL B 477 23.20 2.67 -17.16
N THR B 478 21.87 2.60 -17.15
CA THR B 478 21.00 3.73 -17.48
C THR B 478 19.70 3.68 -16.69
N PHE B 479 19.13 4.87 -16.40
CA PHE B 479 17.86 4.88 -15.69
C PHE B 479 16.73 5.17 -16.64
N ASP B 480 15.60 4.47 -16.42
CA ASP B 480 14.27 4.53 -17.07
C ASP B 480 13.65 5.92 -16.85
N GLU B 481 12.49 6.23 -17.51
CA GLU B 481 11.78 7.50 -17.27
C GLU B 481 11.13 7.43 -15.86
N CYS B 482 11.09 6.22 -15.28
CA CYS B 482 10.59 5.95 -13.93
C CYS B 482 11.73 5.71 -12.91
N GLY B 483 12.97 6.06 -13.28
CA GLY B 483 14.15 5.92 -12.45
C GLY B 483 14.56 4.50 -12.12
N ASP B 484 14.03 3.54 -12.89
CA ASP B 484 14.25 2.11 -12.73
C ASP B 484 15.32 1.58 -13.67
N LEU B 485 15.77 0.35 -13.41
CA LEU B 485 16.69 -0.33 -14.28
C LEU B 485 16.34 -1.80 -14.35
N VAL B 486 16.15 -2.30 -15.58
CA VAL B 486 15.79 -3.68 -15.84
C VAL B 486 16.98 -4.61 -15.57
N GLY B 487 16.67 -5.79 -15.11
CA GLY B 487 17.64 -6.84 -14.83
C GLY B 487 17.00 -8.21 -14.86
N ASN B 488 17.80 -9.22 -15.21
CA ASN B 488 17.34 -10.60 -15.24
C ASN B 488 17.40 -11.17 -13.82
N TYR B 489 16.77 -12.33 -13.62
CA TYR B 489 16.81 -13.01 -12.34
C TYR B 489 17.38 -14.41 -12.54
N SER B 490 18.16 -14.88 -11.56
CA SER B 490 18.68 -16.23 -11.47
C SER B 490 17.66 -16.97 -10.60
N ILE B 491 17.34 -18.23 -10.92
CA ILE B 491 16.41 -18.99 -10.11
C ILE B 491 17.22 -20.01 -9.31
N ILE B 492 17.13 -19.91 -7.99
CA ILE B 492 17.86 -20.76 -7.04
C ILE B 492 16.95 -21.73 -6.33
N ASN B 493 17.54 -22.83 -5.86
CA ASN B 493 16.85 -23.88 -5.12
C ASN B 493 17.58 -24.14 -3.82
N TRP B 494 16.82 -24.38 -2.74
CA TRP B 494 17.41 -24.60 -1.42
C TRP B 494 17.78 -26.05 -1.18
N HIS B 495 19.09 -26.35 -1.33
CA HIS B 495 19.69 -27.69 -1.11
C HIS B 495 20.48 -27.66 0.19
N LEU B 496 20.87 -28.85 0.67
CA LEU B 496 21.64 -29.02 1.88
C LEU B 496 23.03 -29.54 1.55
N SER B 497 24.10 -28.89 2.06
CA SER B 497 25.49 -29.35 1.85
C SER B 497 25.64 -30.68 2.61
N PRO B 498 26.12 -31.76 1.95
CA PRO B 498 26.16 -33.07 2.64
C PRO B 498 27.08 -33.08 3.85
N GLU B 499 28.31 -32.62 3.68
CA GLU B 499 29.34 -32.53 4.72
C GLU B 499 29.00 -31.43 5.74
N ASP B 500 28.83 -30.17 5.25
CA ASP B 500 28.57 -28.98 6.05
C ASP B 500 27.24 -29.01 6.81
N GLY B 501 26.17 -29.36 6.13
CA GLY B 501 24.86 -29.37 6.73
C GLY B 501 24.21 -28.01 6.65
N SER B 502 24.84 -27.03 5.96
CA SER B 502 24.38 -25.67 5.73
C SER B 502 23.56 -25.60 4.43
N ILE B 503 22.63 -24.64 4.33
CA ILE B 503 21.77 -24.48 3.16
C ILE B 503 22.54 -23.82 2.00
N VAL B 504 22.67 -24.59 0.92
CA VAL B 504 23.33 -24.20 -0.32
C VAL B 504 22.29 -23.78 -1.36
N PHE B 505 22.49 -22.62 -2.01
CA PHE B 505 21.57 -22.10 -3.03
C PHE B 505 22.03 -22.48 -4.42
N LYS B 506 21.52 -23.62 -4.92
CA LYS B 506 21.87 -24.12 -6.26
C LYS B 506 21.05 -23.41 -7.34
N GLU B 507 21.74 -22.78 -8.31
CA GLU B 507 21.12 -22.10 -9.45
C GLU B 507 20.52 -23.16 -10.39
N VAL B 508 19.19 -23.30 -10.37
CA VAL B 508 18.45 -24.30 -11.16
C VAL B 508 17.81 -23.73 -12.44
N GLY B 509 17.86 -22.41 -12.60
CA GLY B 509 17.27 -21.75 -13.76
C GLY B 509 17.54 -20.27 -13.83
N TYR B 510 16.80 -19.61 -14.71
CA TYR B 510 16.95 -18.22 -15.04
C TYR B 510 15.64 -17.61 -15.57
N TYR B 511 15.49 -16.27 -15.46
CA TYR B 511 14.35 -15.52 -15.98
C TYR B 511 14.86 -14.32 -16.77
N ASN B 512 14.80 -14.42 -18.09
CA ASN B 512 15.26 -13.39 -19.02
C ASN B 512 14.11 -12.43 -19.29
N VAL B 513 14.20 -11.20 -18.75
CA VAL B 513 13.16 -10.17 -18.89
C VAL B 513 13.15 -9.54 -20.31
N TYR B 514 14.26 -9.65 -21.05
CA TYR B 514 14.39 -9.11 -22.40
C TYR B 514 13.65 -9.96 -23.44
N ALA B 515 13.48 -11.28 -23.17
CA ALA B 515 12.79 -12.25 -24.01
C ALA B 515 11.27 -11.95 -24.14
N LYS B 516 10.62 -12.50 -25.19
CA LYS B 516 9.19 -12.35 -25.46
C LYS B 516 8.36 -13.12 -24.39
N LYS B 517 7.12 -12.66 -24.11
CA LYS B 517 6.22 -13.27 -23.12
C LYS B 517 6.00 -14.74 -23.45
N GLY B 518 6.25 -15.60 -22.47
CA GLY B 518 6.13 -17.05 -22.64
C GLY B 518 7.48 -17.71 -22.88
N GLU B 519 8.48 -16.92 -23.29
CA GLU B 519 9.85 -17.39 -23.59
C GLU B 519 10.88 -16.82 -22.60
N ARG B 520 10.39 -16.22 -21.52
CA ARG B 520 11.23 -15.59 -20.49
C ARG B 520 11.85 -16.57 -19.49
N LEU B 521 11.13 -17.64 -19.15
CA LEU B 521 11.54 -18.64 -18.17
C LEU B 521 12.32 -19.83 -18.73
N PHE B 522 13.39 -20.21 -18.00
CA PHE B 522 14.18 -21.43 -18.22
C PHE B 522 14.38 -22.10 -16.87
N ILE B 523 14.06 -23.39 -16.77
CA ILE B 523 14.26 -24.16 -15.55
C ILE B 523 14.71 -25.60 -15.88
N ASN B 524 15.60 -26.15 -15.05
CA ASN B 524 16.14 -27.50 -15.20
C ASN B 524 15.60 -28.30 -14.02
N GLU B 525 14.49 -29.04 -14.25
CA GLU B 525 13.80 -29.87 -13.24
C GLU B 525 14.74 -30.87 -12.59
N GLU B 526 15.72 -31.42 -13.35
CA GLU B 526 16.72 -32.37 -12.89
C GLU B 526 17.55 -31.85 -11.71
N LYS B 527 17.82 -30.53 -11.67
CA LYS B 527 18.64 -29.88 -10.64
C LYS B 527 17.86 -29.53 -9.36
N ILE B 528 16.51 -29.58 -9.41
CA ILE B 528 15.63 -29.27 -8.29
C ILE B 528 15.44 -30.50 -7.39
N LEU B 529 15.48 -30.29 -6.08
CA LEU B 529 15.19 -31.35 -5.11
C LEU B 529 13.98 -30.88 -4.32
N TRP B 530 12.80 -31.33 -4.72
CA TRP B 530 11.52 -30.99 -4.11
C TRP B 530 11.51 -31.36 -2.64
N SER B 531 11.12 -30.38 -1.77
CA SER B 531 11.08 -30.48 -0.31
C SER B 531 12.47 -30.74 0.31
N GLY B 532 13.52 -30.68 -0.53
CA GLY B 532 14.91 -30.90 -0.18
C GLY B 532 15.40 -32.33 -0.42
N PHE B 533 14.50 -33.23 -0.84
CA PHE B 533 14.86 -34.63 -1.02
C PHE B 533 14.29 -35.30 -2.29
N SER B 534 12.95 -35.35 -2.45
CA SER B 534 12.27 -36.02 -3.56
C SER B 534 12.56 -35.38 -4.91
N ARG B 535 12.67 -36.23 -5.95
CA ARG B 535 12.92 -35.79 -7.32
C ARG B 535 11.63 -35.80 -8.14
N GLU B 536 10.48 -36.01 -7.47
CA GLU B 536 9.14 -36.04 -8.08
C GLU B 536 8.40 -34.71 -7.90
N VAL B 537 7.99 -34.08 -9.03
CA VAL B 537 7.26 -32.80 -9.05
C VAL B 537 5.97 -33.01 -8.24
N PRO B 538 5.77 -32.24 -7.12
CA PRO B 538 4.60 -32.49 -6.27
C PRO B 538 3.28 -32.11 -6.91
N PHE B 539 2.21 -32.73 -6.41
CA PHE B 539 0.85 -32.47 -6.85
C PHE B 539 0.32 -31.28 -6.03
N SER B 540 -0.21 -30.25 -6.71
CA SER B 540 -0.78 -29.08 -6.06
C SER B 540 -1.92 -28.46 -6.85
N ASN B 541 -2.87 -29.32 -7.27
CA ASN B 541 -4.10 -28.94 -7.96
C ASN B 541 -5.20 -29.12 -6.91
N CYS B 542 -6.34 -28.44 -7.06
CA CYS B 542 -7.44 -28.52 -6.09
C CYS B 542 -8.11 -29.90 -6.14
N SER B 543 -8.37 -30.39 -7.36
CA SER B 543 -8.98 -31.69 -7.62
C SER B 543 -8.08 -32.53 -8.54
N ARG B 544 -8.12 -33.87 -8.40
CA ARG B 544 -7.37 -34.79 -9.28
C ARG B 544 -8.05 -34.75 -10.65
N ASP B 545 -7.28 -34.83 -11.74
CA ASP B 545 -7.80 -34.80 -13.11
C ASP B 545 -8.84 -35.86 -13.40
N CYS B 546 -9.87 -35.47 -14.18
CA CYS B 546 -10.96 -36.37 -14.59
C CYS B 546 -10.44 -37.30 -15.68
N LEU B 547 -10.51 -38.62 -15.43
CA LEU B 547 -10.06 -39.63 -16.38
C LEU B 547 -11.15 -39.91 -17.39
N ALA B 548 -10.83 -40.68 -18.45
CA ALA B 548 -11.77 -41.10 -19.50
C ALA B 548 -12.90 -41.92 -18.84
N GLY B 549 -14.14 -41.64 -19.25
CA GLY B 549 -15.33 -42.26 -18.70
C GLY B 549 -16.10 -41.29 -17.84
N THR B 550 -15.44 -40.19 -17.44
CA THR B 550 -16.01 -39.14 -16.59
C THR B 550 -15.81 -37.74 -17.21
N ARG B 551 -16.63 -36.76 -16.77
CA ARG B 551 -16.60 -35.35 -17.19
C ARG B 551 -16.50 -34.44 -15.96
N LYS B 552 -16.00 -33.20 -16.16
CA LYS B 552 -15.87 -32.19 -15.12
C LYS B 552 -17.24 -31.64 -14.72
N GLY B 553 -17.47 -31.60 -13.41
CA GLY B 553 -18.69 -31.09 -12.77
C GLY B 553 -18.40 -29.99 -11.77
N ILE B 554 -19.28 -28.98 -11.74
CA ILE B 554 -19.16 -27.81 -10.85
C ILE B 554 -19.34 -28.19 -9.37
N ILE B 555 -18.62 -27.48 -8.48
CA ILE B 555 -18.75 -27.54 -7.03
C ILE B 555 -19.16 -26.11 -6.65
N GLU B 556 -20.44 -25.94 -6.31
CA GLU B 556 -21.15 -24.67 -6.01
C GLU B 556 -20.35 -23.59 -5.26
N GLY B 557 -19.64 -23.96 -4.20
CA GLY B 557 -18.89 -22.99 -3.39
C GLY B 557 -17.50 -22.67 -3.88
N GLU B 558 -16.71 -23.73 -4.14
CA GLU B 558 -15.31 -23.70 -4.55
C GLU B 558 -15.03 -23.07 -5.94
N PRO B 559 -13.80 -22.52 -6.18
CA PRO B 559 -13.47 -21.94 -7.50
C PRO B 559 -13.38 -22.96 -8.65
N THR B 560 -13.17 -22.48 -9.91
CA THR B 560 -13.10 -23.28 -11.16
C THR B 560 -12.09 -24.45 -11.12
N CYS B 561 -10.94 -24.28 -10.43
CA CYS B 561 -9.90 -25.32 -10.27
C CYS B 561 -10.41 -26.51 -9.47
N CYS B 562 -11.51 -26.32 -8.74
CA CYS B 562 -12.14 -27.31 -7.88
C CYS B 562 -13.38 -27.88 -8.58
N PHE B 563 -13.24 -29.13 -9.08
CA PHE B 563 -14.27 -29.85 -9.82
C PHE B 563 -14.53 -31.28 -9.33
N GLU B 564 -15.73 -31.77 -9.67
CA GLU B 564 -16.19 -33.11 -9.42
C GLU B 564 -15.99 -33.90 -10.72
N CYS B 565 -15.71 -35.20 -10.65
CA CYS B 565 -15.60 -36.02 -11.86
C CYS B 565 -16.83 -36.90 -11.98
N VAL B 566 -17.85 -36.39 -12.68
CA VAL B 566 -19.15 -37.03 -12.91
C VAL B 566 -19.05 -38.11 -13.99
N GLU B 567 -19.57 -39.32 -13.68
CA GLU B 567 -19.65 -40.47 -14.56
C GLU B 567 -20.50 -40.13 -15.80
N CYS B 568 -20.01 -40.53 -17.00
CA CYS B 568 -20.77 -40.31 -18.23
C CYS B 568 -22.09 -41.10 -18.23
N PRO B 569 -23.19 -40.54 -18.78
CA PRO B 569 -24.46 -41.29 -18.81
C PRO B 569 -24.44 -42.41 -19.87
N ASP B 570 -25.41 -43.35 -19.81
CA ASP B 570 -25.53 -44.44 -20.78
C ASP B 570 -25.92 -43.89 -22.14
N GLY B 571 -25.11 -44.23 -23.14
CA GLY B 571 -25.23 -43.76 -24.51
C GLY B 571 -24.20 -42.70 -24.82
N GLU B 572 -23.42 -42.28 -23.82
CA GLU B 572 -22.39 -41.25 -23.93
C GLU B 572 -21.03 -41.73 -23.45
N TYR B 573 -19.94 -41.12 -23.93
CA TYR B 573 -18.56 -41.49 -23.58
C TYR B 573 -17.61 -40.28 -23.47
N SER B 574 -16.41 -40.47 -22.90
CA SER B 574 -15.41 -39.41 -22.87
C SER B 574 -14.03 -39.92 -23.27
N ASP B 575 -13.61 -39.52 -24.47
CA ASP B 575 -12.35 -39.87 -25.14
C ASP B 575 -11.11 -39.41 -24.40
N GLU B 576 -11.18 -38.19 -23.83
CA GLU B 576 -10.03 -37.50 -23.26
C GLU B 576 -10.13 -37.15 -21.78
N THR B 577 -8.97 -36.96 -21.14
CA THR B 577 -8.85 -36.54 -19.74
C THR B 577 -9.14 -35.03 -19.57
N ASP B 578 -9.92 -34.69 -18.51
CA ASP B 578 -10.39 -33.34 -18.14
C ASP B 578 -11.43 -32.78 -19.14
N ALA B 579 -12.39 -33.63 -19.52
CA ALA B 579 -13.47 -33.29 -20.46
C ALA B 579 -14.53 -32.42 -19.79
N SER B 580 -15.08 -31.48 -20.56
CA SER B 580 -16.11 -30.54 -20.11
C SER B 580 -17.49 -31.21 -20.11
N ALA B 581 -17.72 -32.15 -21.06
CA ALA B 581 -18.96 -32.92 -21.26
C ALA B 581 -18.66 -34.23 -21.97
N CYS B 582 -19.63 -35.17 -21.96
CA CYS B 582 -19.50 -36.45 -22.65
C CYS B 582 -20.12 -36.36 -24.06
N ASN B 583 -19.58 -37.11 -25.03
CA ASN B 583 -20.09 -37.13 -26.41
C ASN B 583 -21.06 -38.27 -26.63
N LYS B 584 -22.14 -38.02 -27.40
CA LYS B 584 -23.13 -39.04 -27.72
C LYS B 584 -22.56 -40.04 -28.75
N CYS B 585 -22.79 -41.34 -28.53
CA CYS B 585 -22.34 -42.40 -29.43
C CYS B 585 -23.22 -42.40 -30.69
N PRO B 586 -22.69 -42.75 -31.89
CA PRO B 586 -23.56 -42.82 -33.08
C PRO B 586 -24.60 -43.93 -32.89
N ASP B 587 -25.84 -43.71 -33.38
CA ASP B 587 -27.02 -44.58 -33.23
C ASP B 587 -26.78 -46.12 -33.33
N ASP B 588 -25.79 -46.57 -34.12
CA ASP B 588 -25.47 -47.99 -34.27
C ASP B 588 -24.80 -48.56 -33.01
N PHE B 589 -24.14 -47.69 -32.27
CA PHE B 589 -23.35 -47.98 -31.08
C PHE B 589 -24.05 -47.57 -29.78
N TRP B 590 -23.50 -48.03 -28.64
CA TRP B 590 -23.91 -47.69 -27.29
C TRP B 590 -22.68 -47.73 -26.39
N SER B 591 -22.76 -47.02 -25.26
CA SER B 591 -21.76 -46.86 -24.22
C SER B 591 -20.96 -48.11 -23.87
N ASN B 592 -19.67 -47.90 -23.66
CA ASN B 592 -18.72 -48.91 -23.24
C ASN B 592 -18.99 -49.23 -21.75
N GLU B 593 -18.43 -50.34 -21.26
CA GLU B 593 -18.57 -50.79 -19.86
C GLU B 593 -18.06 -49.72 -18.87
N ASN B 594 -16.98 -49.02 -19.25
CA ASN B 594 -16.37 -47.98 -18.42
C ASN B 594 -16.67 -46.55 -18.91
N HIS B 595 -17.58 -46.41 -19.92
CA HIS B 595 -17.99 -45.15 -20.53
C HIS B 595 -16.83 -44.41 -21.23
N THR B 596 -15.78 -45.14 -21.62
CA THR B 596 -14.59 -44.60 -22.27
C THR B 596 -14.70 -44.57 -23.80
N SER B 597 -15.61 -45.40 -24.37
CA SER B 597 -15.80 -45.51 -25.83
C SER B 597 -17.21 -46.00 -26.18
N CYS B 598 -17.41 -46.54 -27.40
CA CYS B 598 -18.68 -47.09 -27.85
C CYS B 598 -18.47 -48.45 -28.52
N ILE B 599 -19.42 -49.36 -28.32
CA ILE B 599 -19.45 -50.71 -28.88
C ILE B 599 -20.69 -50.88 -29.76
N ALA B 600 -20.52 -51.60 -30.89
CA ALA B 600 -21.59 -51.81 -31.87
C ALA B 600 -22.71 -52.76 -31.43
N LYS B 601 -23.89 -52.64 -32.10
CA LYS B 601 -25.15 -53.41 -31.98
C LYS B 601 -26.31 -52.70 -31.24
N GLU B 602 -26.04 -51.60 -30.51
CA GLU B 602 -27.09 -50.86 -29.79
C GLU B 602 -27.18 -49.40 -30.23
N TRP C . -11.66 8.42 3.49
CA TRP C . -10.67 8.87 2.47
C TRP C . -9.20 8.50 2.81
O TRP C . -8.34 8.50 1.92
CB TRP C . -10.78 10.38 2.17
CG TRP C . -12.19 10.91 2.29
CD1 TRP C . -13.24 10.34 2.96
CD2 TRP C . -12.71 12.13 1.74
NE1 TRP C . -14.36 11.12 2.87
CE2 TRP C . -14.05 12.24 2.13
CE3 TRP C . -12.15 13.14 0.94
CZ2 TRP C . -14.86 13.33 1.75
CZ3 TRP C . -12.95 14.21 0.57
CH2 TRP C . -14.29 14.29 0.96
OXT TRP C . -8.91 8.23 3.97
P PO4 D . -19.39 17.14 5.08
O1 PO4 D . -20.83 17.34 4.65
O2 PO4 D . -19.30 17.54 6.64
O3 PO4 D . -18.96 15.60 4.86
O4 PO4 D . -18.47 18.11 4.19
P PO4 E . -15.63 -7.10 9.15
O1 PO4 E . -15.21 -8.59 8.89
O2 PO4 E . -16.98 -7.10 9.99
O3 PO4 E . -14.51 -6.26 9.91
O4 PO4 E . -15.91 -6.28 7.81
CA CA F . -11.83 27.67 27.89
CA CA G . -5.67 17.29 3.70
CA CA H . -15.55 16.96 -2.90
CA CA I . -16.40 -18.82 -3.26
C1 NAG J . -4.77 33.31 34.51
C2 NAG J . -3.57 33.09 35.44
C3 NAG J . -2.97 34.48 35.70
C4 NAG J . -2.53 35.13 34.39
C5 NAG J . -3.70 35.17 33.40
C6 NAG J . -3.29 35.61 32.01
C7 NAG J . -3.53 31.29 37.13
C8 NAG J . -4.33 30.64 38.22
N2 NAG J . -4.01 32.47 36.67
O3 NAG J . -1.86 34.35 36.58
O4 NAG J . -2.06 36.45 34.66
O5 NAG J . -4.30 33.87 33.28
O6 NAG J . -2.57 34.60 31.30
O7 NAG J . -2.51 30.79 36.68
C1 NAG K . -26.95 8.33 -23.51
C2 NAG K . -27.75 9.33 -24.33
C3 NAG K . -29.14 9.37 -23.69
C4 NAG K . -29.80 7.99 -23.74
C5 NAG K . -28.87 6.92 -23.16
C6 NAG K . -29.33 5.50 -23.44
C7 NAG K . -26.94 11.46 -25.26
C8 NAG K . -25.64 12.19 -25.33
N2 NAG K . -27.08 10.61 -24.23
O3 NAG K . -29.95 10.34 -24.36
O4 NAG K . -31.03 8.01 -23.02
O5 NAG K . -27.55 7.05 -23.71
O6 NAG K . -28.76 4.96 -24.64
O7 NAG K . -27.81 11.58 -26.12
C1 NAG L . -25.82 2.27 14.90
C2 NAG L . -25.85 3.24 16.08
C3 NAG L . -26.43 2.44 17.25
C4 NAG L . -27.84 1.94 16.91
C5 NAG L . -27.86 1.18 15.58
C6 NAG L . -29.27 0.95 15.05
C7 NAG L . -23.88 4.06 17.43
C8 NAG L . -22.95 5.23 17.27
N2 NAG L . -24.45 3.61 16.29
O3 NAG L . -26.58 3.28 18.40
O4 NAG L . -28.31 1.09 17.94
O5 NAG L . -27.16 1.92 14.56
O6 NAG L . -29.58 1.74 13.89
O7 NAG L . -24.01 3.49 18.51
C1 NAG M . -27.48 -14.58 -9.91
C2 NAG M . -28.93 -15.07 -10.01
C3 NAG M . -29.41 -15.19 -8.57
C4 NAG M . -28.55 -16.20 -7.81
C5 NAG M . -27.10 -15.74 -7.82
C6 NAG M . -26.12 -16.69 -7.19
C7 NAG M . -30.78 -14.14 -11.37
C8 NAG M . -30.89 -13.42 -12.68
N2 NAG M . -29.62 -13.99 -10.72
O3 NAG M . -30.78 -15.61 -8.53
O4 NAG M . -29.04 -16.36 -6.48
O5 NAG M . -26.67 -15.52 -9.17
O6 NAG M . -25.70 -17.70 -8.10
O7 NAG M . -31.69 -14.84 -10.95
CA CA N . -8.80 -17.16 -16.14
N TRP O . 13.34 -5.78 -2.24
CA TRP O . 12.85 -5.59 -0.86
C TRP O . 11.98 -4.32 -0.71
O TRP O . 11.43 -4.06 0.39
CB TRP O . 14.01 -5.58 0.14
CG TRP O . 15.09 -6.60 -0.11
CD1 TRP O . 15.46 -7.13 -1.32
CD2 TRP O . 16.00 -7.13 0.85
NE1 TRP O . 16.50 -8.00 -1.17
CE2 TRP O . 16.87 -8.03 0.16
CE3 TRP O . 16.16 -6.99 2.24
CZ2 TRP O . 17.88 -8.74 0.81
CZ3 TRP O . 17.16 -7.70 2.88
CH2 TRP O . 18.00 -8.59 2.17
OXT TRP O . 11.82 -3.60 -1.72
P PO4 P . 24.47 -9.82 -1.21
O1 PO4 P . 24.26 -9.29 0.21
O2 PO4 P . 25.76 -9.06 -1.80
O3 PO4 P . 24.60 -11.42 -1.19
O4 PO4 P . 23.17 -9.47 -2.09
P PO4 Q . 4.98 -8.07 -17.37
O1 PO4 Q . 3.42 -7.85 -17.37
O2 PO4 Q . 5.70 -6.94 -16.49
O3 PO4 Q . 5.33 -9.51 -16.77
O4 PO4 Q . 5.53 -8.03 -18.88
CA CA R . 38.87 10.78 -7.15
CA CA S . 17.10 0.37 5.25
CA CA T . 18.02 -11.11 5.65
C1 NAG U . -3.04 -29.92 -12.78
C2 NAG U . -3.40 -31.04 -13.76
C3 NAG U . -2.65 -30.70 -15.03
C4 NAG U . -3.31 -29.50 -15.71
C5 NAG U . -3.56 -28.36 -14.72
C6 NAG U . -5.01 -27.99 -14.57
C7 NAG U . -2.35 -32.90 -12.42
C8 NAG U . -2.76 -34.19 -11.79
N2 NAG U . -3.17 -32.44 -13.39
O3 NAG U . -2.61 -31.79 -15.94
O4 NAG U . -2.59 -29.06 -16.85
O5 NAG U . -3.03 -28.61 -13.39
O6 NAG U . -5.16 -26.60 -14.33
O7 NAG U . -1.29 -32.33 -12.11
#